data_3DJF
#
_entry.id   3DJF
#
_cell.length_a   49.577
_cell.length_b   132.953
_cell.length_c   121.154
_cell.angle_alpha   90.000
_cell.angle_beta   90.000
_cell.angle_gamma   90.000
#
_symmetry.space_group_name_H-M   'P 21 21 21'
#
loop_
_entity.id
_entity.type
_entity.pdbx_description
1 polymer 'Purine-nucleoside phosphorylase'
2 non-polymer 'SULFATE ION'
3 non-polymer 'DIMETHYL SULFOXIDE'
4 non-polymer 2-amino-7-(pyridin-3-ylmethyl)-3,5-dihydro-4H-pyrrolo[3,2-d]pyrimidin-4-one
5 water water
#
_entity_poly.entity_id   1
_entity_poly.type   'polypeptide(L)'
_entity_poly.pdbx_seq_one_letter_code
;MHESVTANIENVKKVAHHIQKLTSIVPEIGIICGSGLGKLADGVKDKITIPYTKIPNFPQTSVVGHSGNLIFGTLSGRKV
VVMQGRFHMYEGYSNDTVALPIRVMKLLGVKILMVSNAAGGLNRSLKLGDFVILKDHIYLPGLGLNNILVGPNQEAFGTR
FPALSNAYDRDLRKLAVQVAEENGFGNLVHQGVYVMNGGPCYETPAECTMLLNMGCDVVGMSTIPEVVIARHCGIQVFAV
SLVTNISVLDVESDLKPNHEEVLATGAQRAELMQSWFEKIIEKLPKD
;
_entity_poly.pdbx_strand_id   A,B,C
#
loop_
_chem_comp.id
_chem_comp.type
_chem_comp.name
_chem_comp.formula
BC3 non-polymer 2-amino-7-(pyridin-3-ylmethyl)-3,5-dihydro-4H-pyrrolo[3,2-d]pyrimidin-4-one 'C12 H11 N5 O'
DMS non-polymer 'DIMETHYL SULFOXIDE' 'C2 H6 O S'
SO4 non-polymer 'SULFATE ION' 'O4 S -2'
#
# COMPACT_ATOMS: atom_id res chain seq x y z
N VAL A 5 -12.59 8.32 18.62
CA VAL A 5 -13.97 7.84 18.57
C VAL A 5 -14.34 7.44 17.15
N THR A 6 -15.11 6.36 17.04
CA THR A 6 -15.58 5.89 15.75
C THR A 6 -16.43 6.95 15.07
N ALA A 7 -16.23 7.14 13.77
CA ALA A 7 -17.03 8.10 13.02
C ALA A 7 -18.39 7.52 12.62
N ASN A 8 -19.13 7.02 13.61
CA ASN A 8 -20.44 6.47 13.37
C ASN A 8 -21.48 7.57 13.56
N ILE A 9 -22.72 7.30 13.18
CA ILE A 9 -23.76 8.32 13.25
C ILE A 9 -23.93 8.90 14.67
N GLU A 10 -23.80 8.07 15.69
CA GLU A 10 -23.99 8.52 17.07
C GLU A 10 -22.97 9.58 17.46
N ASN A 11 -21.69 9.26 17.27
CA ASN A 11 -20.62 10.20 17.60
C ASN A 11 -20.62 11.47 16.75
N VAL A 12 -20.86 11.33 15.46
CA VAL A 12 -20.93 12.47 14.57
C VAL A 12 -22.11 13.39 14.96
N LYS A 13 -23.25 12.78 15.24
CA LYS A 13 -24.40 13.56 15.71
C LYS A 13 -24.00 14.39 16.91
N LYS A 14 -23.36 13.75 17.88
CA LYS A 14 -22.98 14.43 19.12
C LYS A 14 -22.12 15.65 18.83
N VAL A 15 -21.10 15.49 17.99
CA VAL A 15 -20.23 16.62 17.65
C VAL A 15 -20.97 17.71 16.87
N ALA A 16 -21.78 17.31 15.90
CA ALA A 16 -22.59 18.27 15.14
C ALA A 16 -23.47 19.12 16.05
N HIS A 17 -24.14 18.48 16.99
CA HIS A 17 -25.04 19.22 17.88
C HIS A 17 -24.31 20.21 18.77
N HIS A 18 -23.14 19.83 19.29
CA HIS A 18 -22.37 20.75 20.11
C HIS A 18 -22.03 22.01 19.32
N ILE A 19 -21.55 21.81 18.09
CA ILE A 19 -21.20 22.92 17.22
C ILE A 19 -22.39 23.81 16.98
N GLN A 20 -23.55 23.20 16.72
CA GLN A 20 -24.77 23.94 16.42
C GLN A 20 -25.22 24.81 17.59
N LYS A 21 -24.70 24.52 18.78
CA LYS A 21 -25.03 25.29 19.96
C LYS A 21 -24.16 26.54 20.05
N LEU A 22 -23.09 26.57 19.26
CA LEU A 22 -22.13 27.66 19.32
C LEU A 22 -22.33 28.64 18.16
N THR A 23 -23.15 28.25 17.19
CA THR A 23 -23.40 29.06 16.00
C THR A 23 -24.73 28.71 15.36
N SER A 24 -25.30 29.67 14.64
CA SER A 24 -26.61 29.51 14.02
C SER A 24 -26.44 29.36 12.52
N ILE A 25 -25.21 29.45 12.06
CA ILE A 25 -24.94 29.36 10.64
C ILE A 25 -25.13 27.92 10.16
N VAL A 26 -26.00 27.73 9.20
CA VAL A 26 -26.10 26.45 8.50
C VAL A 26 -25.27 26.53 7.22
N PRO A 27 -24.10 25.88 7.19
CA PRO A 27 -23.16 25.97 6.07
C PRO A 27 -23.67 25.20 4.86
N GLU A 28 -23.47 25.74 3.66
CA GLU A 28 -23.85 24.96 2.47
C GLU A 28 -22.62 24.59 1.66
N ILE A 29 -21.52 25.32 1.88
CA ILE A 29 -20.25 25.02 1.24
C ILE A 29 -19.14 24.78 2.30
N GLY A 30 -18.41 23.68 2.16
CA GLY A 30 -17.29 23.39 3.04
C GLY A 30 -15.96 23.66 2.34
N ILE A 31 -15.09 24.38 3.02
CA ILE A 31 -13.80 24.69 2.45
C ILE A 31 -12.66 24.15 3.32
N ILE A 32 -11.81 23.35 2.71
CA ILE A 32 -10.61 22.90 3.38
C ILE A 32 -9.44 23.71 2.81
N CYS A 33 -8.94 24.66 3.59
CA CYS A 33 -7.84 25.50 3.17
C CYS A 33 -6.55 24.70 3.21
N GLY A 34 -5.91 24.55 2.07
CA GLY A 34 -4.61 23.90 2.01
C GLY A 34 -3.53 24.94 1.81
N SER A 35 -2.67 24.70 0.83
CA SER A 35 -1.67 25.68 0.43
C SER A 35 -2.35 26.67 -0.50
N GLY A 36 -2.35 27.94 -0.10
CA GLY A 36 -2.94 28.99 -0.93
C GLY A 36 -4.25 29.56 -0.42
N LEU A 37 -4.89 28.87 0.52
CA LEU A 37 -6.16 29.36 1.07
C LEU A 37 -5.98 29.93 2.48
N GLY A 38 -4.78 30.42 2.78
CA GLY A 38 -4.53 31.06 4.04
C GLY A 38 -5.37 32.32 4.19
N LYS A 39 -5.39 33.13 3.15
CA LYS A 39 -6.06 34.43 3.17
C LYS A 39 -7.58 34.32 3.14
N LEU A 40 -8.08 33.26 2.51
CA LEU A 40 -9.51 33.03 2.36
C LEU A 40 -10.26 33.11 3.69
N ALA A 41 -9.69 32.47 4.71
CA ALA A 41 -10.28 32.46 6.04
C ALA A 41 -10.66 33.87 6.50
N ASP A 42 -9.83 34.85 6.16
CA ASP A 42 -10.03 36.21 6.61
C ASP A 42 -11.23 36.88 5.94
N GLY A 43 -11.26 36.80 4.61
CA GLY A 43 -12.30 37.45 3.82
C GLY A 43 -13.72 37.09 4.24
N VAL A 44 -13.85 35.99 4.98
CA VAL A 44 -15.16 35.51 5.41
C VAL A 44 -15.83 36.55 6.30
N LYS A 45 -17.07 36.88 5.96
CA LYS A 45 -17.76 37.97 6.62
C LYS A 45 -18.79 37.47 7.63
N ASP A 46 -19.00 38.26 8.68
CA ASP A 46 -19.91 37.91 9.76
C ASP A 46 -19.48 36.61 10.43
N LYS A 47 -18.17 36.45 10.59
CA LYS A 47 -17.59 35.16 10.94
C LYS A 47 -17.48 34.89 12.42
N ILE A 48 -17.78 33.65 12.81
CA ILE A 48 -17.48 33.16 14.14
C ILE A 48 -16.42 32.05 14.08
N THR A 49 -15.43 32.16 14.96
CA THR A 49 -14.36 31.18 15.00
C THR A 49 -14.54 30.23 16.17
N ILE A 50 -14.58 28.93 15.88
CA ILE A 50 -14.62 27.92 16.93
C ILE A 50 -13.36 27.09 16.87
N PRO A 51 -12.56 27.12 17.96
CA PRO A 51 -11.32 26.34 18.08
C PRO A 51 -11.62 24.86 18.32
N TYR A 52 -10.90 23.98 17.62
CA TYR A 52 -11.14 22.55 17.75
C TYR A 52 -11.16 22.14 19.22
N THR A 53 -10.31 22.79 20.01
CA THR A 53 -10.18 22.46 21.44
C THR A 53 -11.45 22.69 22.23
N LYS A 54 -12.36 23.50 21.67
CA LYS A 54 -13.61 23.75 22.35
C LYS A 54 -14.71 22.79 21.92
N ILE A 55 -14.37 21.87 21.03
CA ILE A 55 -15.35 20.92 20.50
C ILE A 55 -15.10 19.49 20.99
N PRO A 56 -15.93 19.01 21.93
CA PRO A 56 -15.79 17.66 22.51
C PRO A 56 -15.72 16.58 21.45
N ASN A 57 -14.66 15.78 21.49
CA ASN A 57 -14.47 14.66 20.58
C ASN A 57 -14.08 15.02 19.13
N PHE A 58 -14.01 16.30 18.82
CA PHE A 58 -13.46 16.70 17.53
C PHE A 58 -11.98 16.41 17.58
N PRO A 59 -11.42 15.91 16.46
CA PRO A 59 -10.00 15.58 16.41
C PRO A 59 -9.14 16.80 16.75
N GLN A 60 -7.99 16.58 17.36
CA GLN A 60 -7.07 17.66 17.74
C GLN A 60 -5.88 17.76 16.79
N THR A 61 -5.39 18.98 16.57
CA THR A 61 -4.34 19.24 15.57
C THR A 61 -2.94 19.41 16.18
N SER A 62 -1.97 19.79 15.35
CA SER A 62 -0.56 19.77 15.73
C SER A 62 0.02 21.15 16.06
N HIS A 66 -0.26 26.06 18.37
CA HIS A 66 -1.52 26.65 17.91
C HIS A 66 -2.51 25.63 17.36
N SER A 67 -3.74 25.69 17.89
CA SER A 67 -4.81 24.78 17.52
C SER A 67 -5.53 25.20 16.23
N GLY A 68 -6.20 24.24 15.61
CA GLY A 68 -7.03 24.52 14.45
C GLY A 68 -8.35 25.18 14.80
N ASN A 69 -9.01 25.73 13.78
CA ASN A 69 -10.30 26.36 13.97
C ASN A 69 -11.29 25.96 12.91
N LEU A 70 -12.56 26.00 13.29
CA LEU A 70 -13.68 25.88 12.36
C LEU A 70 -14.24 27.28 12.22
N ILE A 71 -14.36 27.77 10.99
CA ILE A 71 -14.82 29.14 10.79
C ILE A 71 -16.11 29.18 10.00
N PHE A 72 -17.17 29.65 10.65
CA PHE A 72 -18.47 29.80 10.00
C PHE A 72 -18.68 31.26 9.63
N GLY A 73 -19.54 31.51 8.65
CA GLY A 73 -19.78 32.85 8.17
C GLY A 73 -20.26 32.83 6.73
N THR A 74 -20.14 33.97 6.04
CA THR A 74 -20.54 34.04 4.64
C THR A 74 -19.40 34.49 3.75
N LEU A 75 -19.54 34.19 2.48
CA LEU A 75 -18.47 34.41 1.53
C LEU A 75 -19.15 34.49 0.18
N SER A 76 -19.00 35.63 -0.48
CA SER A 76 -19.72 35.86 -1.74
C SER A 76 -21.20 35.59 -1.53
N GLY A 77 -21.71 35.97 -0.36
CA GLY A 77 -23.12 35.84 -0.05
C GLY A 77 -23.56 34.42 0.24
N ARG A 78 -22.61 33.50 0.32
CA ARG A 78 -22.96 32.12 0.60
C ARG A 78 -22.48 31.71 1.98
N LYS A 79 -23.25 30.85 2.63
CA LYS A 79 -22.90 30.38 3.96
C LYS A 79 -21.92 29.23 3.86
N VAL A 80 -20.74 29.43 4.45
CA VAL A 80 -19.67 28.46 4.36
C VAL A 80 -19.14 28.09 5.73
N VAL A 81 -18.45 26.96 5.79
CA VAL A 81 -17.67 26.57 6.96
C VAL A 81 -16.30 26.24 6.43
N VAL A 82 -15.27 26.75 7.10
CA VAL A 82 -13.90 26.62 6.65
C VAL A 82 -13.10 25.85 7.69
N MET A 83 -12.42 24.79 7.25
CA MET A 83 -11.53 24.06 8.14
C MET A 83 -10.14 24.64 8.06
N GLN A 84 -9.68 25.18 9.17
CA GLN A 84 -8.33 25.70 9.28
C GLN A 84 -7.50 24.72 10.11
N GLY A 85 -6.71 23.90 9.43
CA GLY A 85 -5.98 22.83 10.09
C GLY A 85 -6.49 21.46 9.67
N ARG A 86 -5.66 20.73 8.92
CA ARG A 86 -6.06 19.42 8.40
C ARG A 86 -5.40 18.28 9.17
N PHE A 87 -5.85 17.07 8.85
CA PHE A 87 -5.32 15.87 9.47
C PHE A 87 -4.73 15.01 8.36
N HIS A 88 -3.41 14.87 8.39
CA HIS A 88 -2.70 14.12 7.35
C HIS A 88 -2.32 12.73 7.85
N MET A 89 -2.46 11.74 6.98
CA MET A 89 -2.20 10.35 7.36
C MET A 89 -0.76 10.13 7.82
N TYR A 90 0.20 10.78 7.18
CA TYR A 90 1.59 10.62 7.57
C TYR A 90 1.83 11.05 9.03
N GLU A 91 0.92 11.84 9.61
CA GLU A 91 1.10 12.26 11.01
C GLU A 91 0.72 11.13 11.97
N GLY A 92 0.06 10.09 11.46
CA GLY A 92 -0.35 8.96 12.26
C GLY A 92 -1.82 8.95 12.71
N TYR A 93 -2.63 9.86 12.16
CA TYR A 93 -4.04 9.92 12.52
C TYR A 93 -4.78 8.72 11.96
N SER A 94 -5.84 8.30 12.65
CA SER A 94 -6.62 7.15 12.22
C SER A 94 -7.58 7.50 11.09
N ASN A 95 -8.10 6.47 10.44
CA ASN A 95 -9.12 6.64 9.42
C ASN A 95 -10.32 7.40 10.01
N ASP A 96 -10.70 7.02 11.23
CA ASP A 96 -11.87 7.62 11.89
C ASP A 96 -11.63 9.09 12.19
N THR A 97 -10.43 9.42 12.63
CA THR A 97 -10.10 10.80 12.91
C THR A 97 -10.18 11.67 11.65
N VAL A 98 -9.61 11.20 10.55
CA VAL A 98 -9.68 11.96 9.31
C VAL A 98 -11.11 12.07 8.77
N ALA A 99 -11.94 11.05 8.99
CA ALA A 99 -13.28 11.00 8.40
C ALA A 99 -14.30 11.85 9.14
N LEU A 100 -14.16 11.96 10.46
CA LEU A 100 -15.20 12.61 11.28
C LEU A 100 -15.53 14.05 10.88
N PRO A 101 -14.50 14.90 10.69
CA PRO A 101 -14.81 16.28 10.30
C PRO A 101 -15.66 16.38 9.03
N ILE A 102 -15.40 15.53 8.06
CA ILE A 102 -16.14 15.56 6.80
C ILE A 102 -17.56 15.07 7.06
N ARG A 103 -17.72 14.05 7.87
CA ARG A 103 -19.06 13.59 8.19
C ARG A 103 -19.83 14.63 9.02
N VAL A 104 -19.11 15.38 9.87
CA VAL A 104 -19.77 16.44 10.61
C VAL A 104 -20.34 17.49 9.64
N MET A 105 -19.58 17.82 8.58
CA MET A 105 -20.04 18.81 7.62
C MET A 105 -21.35 18.37 7.00
N LYS A 106 -21.42 17.09 6.67
CA LYS A 106 -22.60 16.53 6.03
C LYS A 106 -23.85 16.81 6.87
N LEU A 107 -23.77 16.46 8.16
CA LEU A 107 -24.88 16.71 9.09
C LEU A 107 -25.16 18.19 9.32
N LEU A 108 -24.16 19.05 9.14
CA LEU A 108 -24.36 20.49 9.35
C LEU A 108 -25.04 21.17 8.16
N GLY A 109 -25.09 20.47 7.03
CA GLY A 109 -25.76 20.98 5.84
C GLY A 109 -24.93 21.12 4.58
N VAL A 110 -23.62 20.88 4.68
CA VAL A 110 -22.72 21.07 3.54
C VAL A 110 -23.09 20.23 2.32
N LYS A 111 -23.09 20.86 1.14
CA LYS A 111 -23.48 20.20 -0.11
C LYS A 111 -22.29 20.11 -1.06
N ILE A 112 -21.36 21.07 -0.94
CA ILE A 112 -20.20 21.14 -1.81
C ILE A 112 -18.93 21.31 -0.97
N LEU A 113 -17.94 20.48 -1.24
CA LEU A 113 -16.63 20.63 -0.60
C LEU A 113 -15.62 21.22 -1.58
N MET A 114 -14.98 22.34 -1.21
CA MET A 114 -13.88 22.89 -1.99
C MET A 114 -12.56 22.71 -1.26
N VAL A 115 -11.59 22.11 -1.94
CA VAL A 115 -10.30 21.86 -1.31
C VAL A 115 -9.11 22.23 -2.19
N SER A 116 -8.11 22.87 -1.59
CA SER A 116 -6.87 23.15 -2.30
C SER A 116 -5.74 22.41 -1.62
N ASN A 117 -4.68 22.14 -2.37
CA ASN A 117 -3.44 21.61 -1.81
C ASN A 117 -2.21 22.04 -2.61
N ALA A 118 -1.02 21.73 -2.09
CA ALA A 118 0.22 21.93 -2.83
C ALA A 118 0.68 20.59 -3.38
N ALA A 119 1.24 20.60 -4.60
CA ALA A 119 1.70 19.36 -5.20
C ALA A 119 2.93 19.54 -6.08
N GLY A 120 3.63 18.46 -6.33
CA GLY A 120 4.76 18.49 -7.25
C GLY A 120 4.25 18.25 -8.65
N GLY A 121 4.87 18.90 -9.62
CA GLY A 121 4.44 18.77 -11.00
C GLY A 121 5.19 17.68 -11.73
N LEU A 122 4.48 16.63 -12.11
CA LEU A 122 5.06 15.52 -12.88
C LEU A 122 4.95 15.82 -14.37
N ASN A 123 3.75 16.19 -14.82
CA ASN A 123 3.54 16.51 -16.23
C ASN A 123 4.58 17.52 -16.67
N ARG A 124 5.30 17.24 -17.76
CA ARG A 124 6.47 18.03 -18.14
C ARG A 124 6.10 19.38 -18.73
N SER A 125 4.83 19.59 -18.98
CA SER A 125 4.37 20.84 -19.58
C SER A 125 3.95 21.83 -18.50
N LEU A 126 3.95 21.38 -17.25
CA LEU A 126 3.55 22.23 -16.12
C LEU A 126 4.65 23.22 -15.74
N LYS A 127 4.25 24.38 -15.24
CA LYS A 127 5.20 25.36 -14.72
C LYS A 127 4.91 25.72 -13.27
N LEU A 128 5.95 26.13 -12.57
CA LEU A 128 5.85 26.62 -11.21
C LEU A 128 4.71 27.63 -11.07
N GLY A 129 3.90 27.47 -10.02
CA GLY A 129 2.79 28.37 -9.76
C GLY A 129 1.52 28.10 -10.57
N ASP A 130 1.54 27.10 -11.44
CA ASP A 130 0.33 26.69 -12.19
C ASP A 130 -0.75 26.13 -11.25
N PHE A 131 -2.00 26.22 -11.67
CA PHE A 131 -3.10 25.58 -10.97
C PHE A 131 -3.51 24.33 -11.74
N VAL A 132 -3.59 23.19 -11.06
CA VAL A 132 -4.08 22.00 -11.73
C VAL A 132 -5.35 21.51 -11.05
N ILE A 133 -6.49 21.79 -11.69
CA ILE A 133 -7.77 21.27 -11.21
C ILE A 133 -7.76 19.74 -11.30
N LEU A 134 -8.09 19.08 -10.19
CA LEU A 134 -8.19 17.63 -10.24
C LEU A 134 -9.43 17.21 -11.04
N LYS A 135 -9.22 16.35 -12.01
CA LYS A 135 -10.33 15.73 -12.71
C LYS A 135 -10.41 14.24 -12.39
N ASP A 136 -9.38 13.69 -11.75
CA ASP A 136 -9.36 12.28 -11.36
C ASP A 136 -8.18 12.06 -10.43
N HIS A 137 -8.09 10.89 -9.80
CA HIS A 137 -6.95 10.60 -8.90
C HIS A 137 -6.53 9.14 -8.92
N ILE A 138 -5.33 8.89 -8.38
CA ILE A 138 -4.86 7.53 -8.16
C ILE A 138 -4.49 7.41 -6.69
N TYR A 139 -5.20 6.55 -5.98
CA TYR A 139 -5.13 6.49 -4.53
C TYR A 139 -4.23 5.33 -4.15
N LEU A 140 -2.92 5.55 -4.19
CA LEU A 140 -1.98 4.46 -3.96
C LEU A 140 -2.19 3.74 -2.62
N PRO A 141 -2.35 4.50 -1.53
CA PRO A 141 -2.64 3.86 -0.23
C PRO A 141 -3.94 3.06 -0.25
N GLY A 142 -4.93 3.56 -0.99
CA GLY A 142 -6.21 2.86 -1.10
C GLY A 142 -6.11 1.53 -1.84
N LEU A 143 -5.38 1.54 -2.95
CA LEU A 143 -5.11 0.31 -3.70
C LEU A 143 -4.40 -0.72 -2.84
N GLY A 144 -3.67 -0.26 -1.84
CA GLY A 144 -2.86 -1.12 -1.00
C GLY A 144 -3.40 -1.52 0.35
N LEU A 145 -4.72 -1.39 0.55
CA LEU A 145 -5.37 -1.83 1.80
C LEU A 145 -5.30 -0.81 2.96
N ASN A 146 -4.95 0.42 2.63
CA ASN A 146 -5.01 1.48 3.62
C ASN A 146 -6.03 2.54 3.22
N ASN A 147 -7.10 2.08 2.57
CA ASN A 147 -8.19 2.95 2.17
C ASN A 147 -8.88 3.48 3.43
N ILE A 148 -9.23 4.76 3.42
CA ILE A 148 -9.88 5.37 4.58
C ILE A 148 -11.18 4.66 4.97
N LEU A 149 -11.79 3.97 4.02
CA LEU A 149 -13.05 3.27 4.29
C LEU A 149 -12.91 1.83 4.76
N VAL A 150 -11.67 1.33 4.88
CA VAL A 150 -11.49 -0.05 5.38
C VAL A 150 -12.13 -0.19 6.77
N GLY A 151 -12.84 -1.29 6.99
CA GLY A 151 -13.48 -1.51 8.27
C GLY A 151 -15.00 -1.57 8.10
N PRO A 152 -15.73 -1.75 9.20
CA PRO A 152 -17.19 -1.84 9.05
C PRO A 152 -17.74 -0.58 8.39
N ASN A 153 -18.66 -0.74 7.46
CA ASN A 153 -19.26 0.42 6.78
C ASN A 153 -20.28 1.11 7.65
N GLN A 154 -20.26 2.44 7.67
CA GLN A 154 -21.23 3.19 8.44
C GLN A 154 -22.37 3.50 7.48
N GLU A 155 -23.41 2.68 7.54
CA GLU A 155 -24.47 2.73 6.52
C GLU A 155 -25.25 4.05 6.52
N ALA A 156 -25.27 4.73 7.66
CA ALA A 156 -26.00 5.99 7.77
C ALA A 156 -25.40 7.04 6.84
N PHE A 157 -24.12 6.88 6.50
CA PHE A 157 -23.46 7.86 5.66
C PHE A 157 -23.40 7.46 4.19
N GLY A 158 -23.31 6.16 3.92
CA GLY A 158 -23.16 5.71 2.56
C GLY A 158 -23.03 4.22 2.38
N THR A 159 -22.85 3.79 1.13
CA THR A 159 -22.91 2.38 0.76
C THR A 159 -21.58 1.64 1.00
N ARG A 160 -21.64 0.31 1.02
CA ARG A 160 -20.46 -0.50 1.27
C ARG A 160 -19.39 -0.34 0.17
N PHE A 161 -19.83 -0.39 -1.08
CA PHE A 161 -18.95 -0.32 -2.25
C PHE A 161 -19.20 0.89 -3.14
N PRO A 162 -18.65 2.04 -2.77
CA PRO A 162 -18.88 3.28 -3.52
C PRO A 162 -18.15 3.30 -4.86
N ALA A 163 -18.80 3.84 -5.89
CA ALA A 163 -18.13 4.13 -7.15
C ALA A 163 -17.54 5.53 -7.08
N LEU A 164 -16.51 5.78 -7.87
CA LEU A 164 -15.91 7.11 -7.90
C LEU A 164 -16.04 7.69 -9.29
N SER A 165 -17.17 7.40 -9.91
CA SER A 165 -17.41 7.73 -11.31
C SER A 165 -17.10 9.20 -11.63
N ASN A 166 -17.89 10.11 -11.08
CA ASN A 166 -17.67 11.52 -11.37
C ASN A 166 -17.19 12.23 -10.11
N ALA A 167 -16.15 11.68 -9.49
CA ALA A 167 -15.73 12.14 -8.18
C ALA A 167 -15.45 13.65 -8.17
N TYR A 168 -14.84 14.14 -9.24
CA TYR A 168 -14.52 15.57 -9.32
C TYR A 168 -15.51 16.23 -10.26
N ASP A 169 -16.63 16.67 -9.68
CA ASP A 169 -17.79 17.11 -10.46
C ASP A 169 -17.44 17.91 -11.70
N ARG A 170 -17.82 17.40 -12.87
CA ARG A 170 -17.43 18.02 -14.15
C ARG A 170 -17.98 19.43 -14.32
N ASP A 171 -19.15 19.69 -13.73
CA ASP A 171 -19.79 20.99 -13.84
C ASP A 171 -19.05 22.04 -13.03
N LEU A 172 -18.59 21.67 -11.83
CA LEU A 172 -17.80 22.57 -11.01
C LEU A 172 -16.45 22.86 -11.70
N ARG A 173 -15.85 21.84 -12.29
CA ARG A 173 -14.62 22.05 -13.07
C ARG A 173 -14.81 23.03 -14.23
N LYS A 174 -15.87 22.85 -15.01
CA LYS A 174 -16.18 23.73 -16.14
C LYS A 174 -16.34 25.16 -15.66
N LEU A 175 -17.11 25.33 -14.59
CA LEU A 175 -17.33 26.65 -14.01
C LEU A 175 -16.00 27.31 -13.60
N ALA A 176 -15.17 26.57 -12.87
CA ALA A 176 -13.89 27.12 -12.41
C ALA A 176 -13.00 27.56 -13.57
N VAL A 177 -12.90 26.72 -14.60
CA VAL A 177 -12.24 27.14 -15.82
C VAL A 177 -12.82 28.45 -16.41
N GLN A 178 -14.14 28.56 -16.47
CA GLN A 178 -14.79 29.76 -17.01
C GLN A 178 -14.43 31.00 -16.21
N VAL A 179 -14.45 30.88 -14.88
CA VAL A 179 -14.11 32.00 -14.01
C VAL A 179 -12.66 32.48 -14.21
N ALA A 180 -11.72 31.53 -14.23
CA ALA A 180 -10.32 31.85 -14.49
C ALA A 180 -10.20 32.57 -15.84
N GLU A 181 -10.90 32.05 -16.85
CA GLU A 181 -10.77 32.59 -18.20
C GLU A 181 -11.21 34.04 -18.27
N GLU A 182 -12.36 34.35 -17.68
CA GLU A 182 -12.95 35.68 -17.81
C GLU A 182 -12.26 36.67 -16.88
N ASN A 183 -11.52 36.16 -15.90
CA ASN A 183 -10.77 37.04 -15.00
C ASN A 183 -9.30 37.11 -15.39
N GLY A 184 -9.03 36.63 -16.59
CA GLY A 184 -7.74 36.85 -17.21
C GLY A 184 -6.56 36.03 -16.71
N PHE A 185 -6.81 34.87 -16.10
CA PHE A 185 -5.70 33.98 -15.77
C PHE A 185 -5.94 32.54 -16.23
N GLY A 186 -6.76 32.39 -17.26
CA GLY A 186 -7.04 31.09 -17.84
C GLY A 186 -5.78 30.34 -18.25
N ASN A 187 -4.67 31.08 -18.40
CA ASN A 187 -3.44 30.50 -18.91
C ASN A 187 -2.67 29.77 -17.82
N LEU A 188 -3.08 29.95 -16.58
CA LEU A 188 -2.45 29.29 -15.43
C LEU A 188 -3.10 27.95 -15.10
N VAL A 189 -4.28 27.74 -15.67
CA VAL A 189 -5.15 26.66 -15.22
C VAL A 189 -5.12 25.43 -16.13
N HIS A 190 -4.77 24.29 -15.54
CA HIS A 190 -4.84 23.01 -16.24
C HIS A 190 -5.78 22.08 -15.49
N GLN A 191 -6.07 20.92 -16.09
CA GLN A 191 -6.79 19.86 -15.41
C GLN A 191 -5.97 18.58 -15.54
N GLY A 192 -5.96 17.75 -14.50
CA GLY A 192 -5.09 16.57 -14.52
C GLY A 192 -5.37 15.53 -13.46
N VAL A 193 -4.50 14.51 -13.41
CA VAL A 193 -4.63 13.41 -12.45
C VAL A 193 -3.67 13.62 -11.27
N TYR A 194 -4.22 13.56 -10.06
CA TYR A 194 -3.47 13.69 -8.83
C TYR A 194 -3.21 12.31 -8.20
N VAL A 195 -1.95 12.01 -7.91
CA VAL A 195 -1.65 10.76 -7.22
C VAL A 195 -1.20 11.03 -5.79
N MET A 196 -1.72 10.25 -4.84
CA MET A 196 -1.35 10.40 -3.44
C MET A 196 -0.20 9.49 -3.05
N ASN A 197 0.87 10.11 -2.59
CA ASN A 197 1.96 9.40 -1.91
C ASN A 197 1.70 9.52 -0.41
N GLY A 198 1.64 8.37 0.29
CA GLY A 198 1.37 8.35 1.72
C GLY A 198 2.22 9.29 2.57
N GLY A 199 3.49 9.46 2.18
CA GLY A 199 4.41 10.37 2.87
C GLY A 199 5.14 9.77 4.07
N PRO A 200 5.94 10.59 4.79
CA PRO A 200 6.07 12.04 4.60
C PRO A 200 7.24 12.43 3.70
N CYS A 201 7.92 11.47 3.08
CA CYS A 201 9.05 11.78 2.20
C CYS A 201 8.62 12.31 0.83
N TYR A 202 9.41 13.23 0.30
CA TYR A 202 9.32 13.57 -1.12
C TYR A 202 9.74 12.37 -1.98
N GLU A 203 9.25 12.33 -3.22
CA GLU A 203 9.54 11.21 -4.12
C GLU A 203 10.98 11.24 -4.59
N THR A 204 11.57 10.07 -4.80
CA THR A 204 12.86 9.96 -5.45
C THR A 204 12.64 10.22 -6.94
N PRO A 205 13.72 10.49 -7.67
CA PRO A 205 13.58 10.62 -9.12
C PRO A 205 12.97 9.39 -9.79
N ALA A 206 13.34 8.19 -9.33
CA ALA A 206 12.78 6.98 -9.91
C ALA A 206 11.27 6.85 -9.66
N GLU A 207 10.82 7.23 -8.48
CA GLU A 207 9.41 7.16 -8.10
C GLU A 207 8.62 8.14 -8.96
N CYS A 208 9.15 9.35 -9.12
CA CYS A 208 8.56 10.37 -9.97
C CYS A 208 8.43 9.90 -11.42
N THR A 209 9.49 9.35 -11.95
CA THR A 209 9.45 8.77 -13.28
C THR A 209 8.38 7.67 -13.42
N MET A 210 8.29 6.76 -12.44
CA MET A 210 7.26 5.73 -12.46
C MET A 210 5.85 6.36 -12.39
N LEU A 211 5.67 7.33 -11.51
CA LEU A 211 4.36 7.94 -11.35
C LEU A 211 3.91 8.65 -12.62
N LEU A 212 4.85 9.31 -13.31
CA LEU A 212 4.53 10.01 -14.54
C LEU A 212 4.11 9.01 -15.61
N ASN A 213 4.88 7.93 -15.74
CA ASN A 213 4.53 6.90 -16.72
C ASN A 213 3.24 6.20 -16.35
N MET A 214 2.82 6.33 -15.10
CA MET A 214 1.53 5.78 -14.67
C MET A 214 0.39 6.64 -15.17
N GLY A 215 0.70 7.82 -15.72
CA GLY A 215 -0.32 8.75 -16.17
C GLY A 215 -0.70 9.83 -15.16
N CYS A 216 0.14 10.04 -14.14
CA CYS A 216 -0.14 11.07 -13.13
C CYS A 216 0.38 12.42 -13.57
N ASP A 217 -0.33 13.48 -13.24
CA ASP A 217 0.13 14.84 -13.57
C ASP A 217 0.77 15.57 -12.40
N VAL A 218 0.23 15.37 -11.19
CA VAL A 218 0.76 16.02 -9.99
C VAL A 218 0.74 15.01 -8.86
N VAL A 219 1.58 15.25 -7.85
CA VAL A 219 1.74 14.32 -6.72
C VAL A 219 1.79 15.07 -5.38
N GLY A 220 1.11 14.52 -4.39
CA GLY A 220 0.98 15.14 -3.08
C GLY A 220 0.71 14.08 -2.02
N MET A 221 0.40 14.51 -0.80
CA MET A 221 0.30 13.58 0.33
C MET A 221 -1.03 13.69 1.04
N SER A 222 -2.04 14.27 0.38
CA SER A 222 -3.29 14.61 1.07
C SER A 222 -4.52 14.43 0.21
N THR A 223 -5.67 14.87 0.74
CA THR A 223 -6.83 15.21 -0.07
C THR A 223 -7.74 14.03 -0.48
N ILE A 224 -7.14 13.05 -1.14
CA ILE A 224 -7.88 11.87 -1.53
C ILE A 224 -8.73 11.24 -0.42
N PRO A 225 -8.18 11.07 0.78
CA PRO A 225 -9.01 10.48 1.85
C PRO A 225 -10.28 11.30 2.14
N GLU A 226 -10.15 12.62 2.23
CA GLU A 226 -11.30 13.49 2.43
C GLU A 226 -12.27 13.39 1.24
N VAL A 227 -11.73 13.40 0.02
CA VAL A 227 -12.57 13.29 -1.16
C VAL A 227 -13.36 12.00 -1.12
N VAL A 228 -12.69 10.88 -0.80
CA VAL A 228 -13.35 9.59 -0.70
C VAL A 228 -14.49 9.65 0.33
N ILE A 229 -14.22 10.20 1.51
CA ILE A 229 -15.28 10.33 2.50
C ILE A 229 -16.42 11.24 2.04
N ALA A 230 -16.09 12.33 1.36
CA ALA A 230 -17.11 13.27 0.87
C ALA A 230 -18.02 12.60 -0.14
N ARG A 231 -17.42 11.97 -1.16
CA ARG A 231 -18.23 11.29 -2.17
C ARG A 231 -19.08 10.19 -1.51
N HIS A 232 -18.51 9.47 -0.57
CA HIS A 232 -19.23 8.37 0.09
C HIS A 232 -20.55 8.84 0.68
N CYS A 233 -20.57 10.04 1.25
CA CYS A 233 -21.79 10.53 1.86
C CYS A 233 -22.45 11.59 0.96
N GLY A 234 -22.13 11.53 -0.33
CA GLY A 234 -22.83 12.32 -1.33
C GLY A 234 -22.61 13.82 -1.37
N ILE A 235 -21.44 14.28 -0.94
CA ILE A 235 -21.07 15.67 -1.09
C ILE A 235 -20.34 15.92 -2.42
N GLN A 236 -20.68 16.99 -3.12
CA GLN A 236 -20.02 17.30 -4.38
C GLN A 236 -18.64 17.90 -4.11
N VAL A 237 -17.66 17.53 -4.92
CA VAL A 237 -16.27 17.88 -4.63
C VAL A 237 -15.62 18.73 -5.73
N PHE A 238 -14.89 19.76 -5.31
CA PHE A 238 -14.01 20.51 -6.20
C PHE A 238 -12.63 20.64 -5.58
N ALA A 239 -11.59 20.32 -6.33
CA ALA A 239 -10.24 20.30 -5.74
C ALA A 239 -9.17 20.77 -6.73
N VAL A 240 -8.28 21.64 -6.27
CA VAL A 240 -7.21 22.16 -7.10
C VAL A 240 -5.85 21.99 -6.42
N SER A 241 -4.83 21.66 -7.22
CA SER A 241 -3.45 21.64 -6.76
C SER A 241 -2.70 22.87 -7.26
N LEU A 242 -1.93 23.48 -6.37
CA LEU A 242 -1.01 24.54 -6.76
C LEU A 242 0.33 23.84 -6.98
N VAL A 243 0.91 24.01 -8.16
CA VAL A 243 2.21 23.40 -8.43
C VAL A 243 3.29 24.22 -7.72
N THR A 244 3.76 23.71 -6.58
CA THR A 244 4.72 24.44 -5.77
C THR A 244 6.16 24.03 -6.07
N ASN A 245 6.33 23.08 -6.99
CA ASN A 245 7.66 22.63 -7.39
C ASN A 245 7.58 21.71 -8.61
N ILE A 246 8.64 21.68 -9.40
CA ILE A 246 8.70 20.76 -10.53
C ILE A 246 9.42 19.48 -10.11
N SER A 247 8.74 18.35 -10.24
CA SER A 247 9.33 17.07 -9.87
C SER A 247 10.61 16.79 -10.64
N VAL A 248 11.64 16.35 -9.92
CA VAL A 248 12.92 15.98 -10.53
C VAL A 248 12.94 14.51 -10.93
N LEU A 249 13.14 14.25 -12.23
CA LEU A 249 13.08 12.89 -12.77
C LEU A 249 14.43 12.23 -12.95
N ASP A 250 15.49 12.99 -12.79
CA ASP A 250 16.83 12.50 -13.08
C ASP A 250 17.70 12.43 -11.84
N VAL A 251 18.31 11.27 -11.58
CA VAL A 251 19.21 11.11 -10.44
C VAL A 251 20.46 11.98 -10.55
N GLU A 252 20.85 12.34 -11.77
CA GLU A 252 22.06 13.11 -11.99
C GLU A 252 21.89 14.62 -11.69
N SER A 253 20.65 15.08 -11.57
CA SER A 253 20.38 16.49 -11.30
C SER A 253 20.81 16.92 -9.90
N ASP A 254 20.91 18.23 -9.71
CA ASP A 254 21.22 18.79 -8.42
C ASP A 254 20.06 19.59 -7.88
N LEU A 255 19.00 19.70 -8.69
CA LEU A 255 17.74 20.28 -8.23
C LEU A 255 17.12 19.36 -7.18
N LYS A 256 16.44 19.94 -6.19
CA LYS A 256 15.79 19.13 -5.16
C LYS A 256 14.57 19.82 -4.54
N PRO A 257 13.59 19.02 -4.08
CA PRO A 257 12.42 19.59 -3.42
C PRO A 257 12.84 20.27 -2.13
N ASN A 258 12.42 21.51 -1.95
CA ASN A 258 12.71 22.24 -0.72
C ASN A 258 11.43 22.78 -0.06
N HIS A 259 11.15 22.33 1.16
CA HIS A 259 9.88 22.66 1.82
C HIS A 259 9.69 24.17 2.04
N GLU A 260 10.78 24.90 2.20
CA GLU A 260 10.71 26.35 2.34
C GLU A 260 10.28 27.02 1.04
N GLU A 261 10.75 26.48 -0.09
CA GLU A 261 10.36 26.98 -1.40
C GLU A 261 8.92 26.57 -1.75
N VAL A 262 8.51 25.43 -1.22
CA VAL A 262 7.13 24.99 -1.36
C VAL A 262 6.22 25.97 -0.63
N LEU A 263 6.56 26.28 0.62
CA LEU A 263 5.74 27.18 1.41
C LEU A 263 5.67 28.55 0.75
N ALA A 264 6.80 29.01 0.20
CA ALA A 264 6.89 30.34 -0.41
C ALA A 264 6.03 30.50 -1.67
N THR A 265 6.07 29.50 -2.55
CA THR A 265 5.22 29.49 -3.74
C THR A 265 3.75 29.55 -3.37
N GLY A 266 3.35 28.73 -2.39
CA GLY A 266 1.99 28.79 -1.89
C GLY A 266 1.57 30.20 -1.52
N ALA A 267 2.43 30.89 -0.76
CA ALA A 267 2.12 32.23 -0.27
C ALA A 267 2.07 33.24 -1.40
N GLN A 268 2.80 32.97 -2.47
CA GLN A 268 2.88 33.88 -3.62
C GLN A 268 1.56 33.89 -4.39
N ARG A 269 0.94 32.72 -4.54
CA ARG A 269 -0.25 32.55 -5.35
C ARG A 269 -1.52 32.63 -4.50
N ALA A 270 -1.34 32.78 -3.19
CA ALA A 270 -2.44 32.76 -2.24
C ALA A 270 -3.55 33.76 -2.52
N GLU A 271 -3.17 34.99 -2.86
CA GLU A 271 -4.15 36.03 -3.14
C GLU A 271 -4.95 35.65 -4.39
N LEU A 272 -4.26 35.14 -5.40
CA LEU A 272 -4.92 34.77 -6.65
C LEU A 272 -5.88 33.63 -6.36
N MET A 273 -5.41 32.65 -5.61
CA MET A 273 -6.21 31.48 -5.34
C MET A 273 -7.45 31.83 -4.52
N GLN A 274 -7.27 32.71 -3.53
CA GLN A 274 -8.39 33.17 -2.74
C GLN A 274 -9.44 33.83 -3.62
N SER A 275 -9.00 34.77 -4.45
CA SER A 275 -9.89 35.47 -5.36
C SER A 275 -10.64 34.48 -6.25
N TRP A 276 -9.93 33.45 -6.73
CA TRP A 276 -10.52 32.45 -7.60
C TRP A 276 -11.65 31.67 -6.90
N PHE A 277 -11.39 31.23 -5.68
CA PHE A 277 -12.41 30.51 -4.91
C PHE A 277 -13.57 31.45 -4.61
N GLU A 278 -13.26 32.71 -4.30
CA GLU A 278 -14.31 33.68 -4.01
C GLU A 278 -15.22 33.89 -5.22
N LYS A 279 -14.63 34.00 -6.40
CA LYS A 279 -15.43 34.23 -7.61
C LYS A 279 -16.15 32.98 -8.09
N ILE A 280 -15.62 31.81 -7.77
CA ILE A 280 -16.33 30.58 -8.04
C ILE A 280 -17.60 30.50 -7.19
N ILE A 281 -17.45 30.66 -5.89
CA ILE A 281 -18.57 30.55 -4.97
C ILE A 281 -19.68 31.50 -5.37
N GLU A 282 -19.30 32.67 -5.87
CA GLU A 282 -20.29 33.68 -6.23
C GLU A 282 -21.17 33.23 -7.38
N LYS A 283 -20.68 32.29 -8.18
CA LYS A 283 -21.40 31.81 -9.36
C LYS A 283 -22.03 30.42 -9.21
N LEU A 284 -21.84 29.79 -8.06
CA LEU A 284 -22.41 28.48 -7.79
C LEU A 284 -23.92 28.54 -7.94
N PRO A 285 -24.48 27.59 -8.69
CA PRO A 285 -25.94 27.54 -8.76
C PRO A 285 -26.47 27.38 -7.34
N LYS A 286 -27.38 28.26 -6.95
CA LYS A 286 -27.98 28.15 -5.63
C LYS A 286 -29.36 27.53 -5.73
N ASP A 287 -29.56 26.41 -5.01
CA ASP A 287 -30.85 25.74 -4.98
C ASP A 287 -31.97 26.77 -5.01
N SER B 4 7.94 -2.77 21.37
CA SER B 4 8.76 -1.72 20.78
C SER B 4 8.59 -0.44 21.55
N VAL B 5 9.68 0.32 21.65
CA VAL B 5 9.60 1.64 22.24
C VAL B 5 10.17 2.69 21.34
N THR B 6 9.84 3.92 21.65
CA THR B 6 9.91 4.95 20.62
C THR B 6 11.36 5.33 20.33
N ALA B 7 11.69 5.48 19.05
CA ALA B 7 13.04 5.89 18.62
C ALA B 7 13.21 7.40 18.74
N ASN B 8 12.91 7.93 19.92
CA ASN B 8 13.11 9.35 20.20
C ASN B 8 14.50 9.59 20.78
N ILE B 9 14.89 10.86 20.88
CA ILE B 9 16.26 11.16 21.31
C ILE B 9 16.56 10.55 22.69
N GLU B 10 15.57 10.55 23.58
CA GLU B 10 15.77 10.05 24.94
C GLU B 10 16.17 8.58 24.94
N ASN B 11 15.36 7.76 24.28
CA ASN B 11 15.60 6.33 24.24
C ASN B 11 16.86 5.96 23.47
N VAL B 12 17.09 6.64 22.35
CA VAL B 12 18.31 6.40 21.58
C VAL B 12 19.56 6.76 22.40
N LYS B 13 19.51 7.90 23.08
CA LYS B 13 20.60 8.31 23.94
C LYS B 13 20.90 7.21 24.94
N LYS B 14 19.84 6.69 25.57
CA LYS B 14 20.04 5.69 26.60
C LYS B 14 20.77 4.46 26.06
N VAL B 15 20.35 3.98 24.90
CA VAL B 15 21.00 2.82 24.28
C VAL B 15 22.43 3.11 23.84
N ALA B 16 22.64 4.26 23.21
CA ALA B 16 23.98 4.67 22.82
C ALA B 16 24.93 4.68 24.01
N HIS B 17 24.48 5.21 25.15
CA HIS B 17 25.38 5.36 26.29
C HIS B 17 25.75 4.00 26.88
N HIS B 18 24.77 3.09 26.95
CA HIS B 18 25.05 1.74 27.44
C HIS B 18 26.15 1.10 26.61
N ILE B 19 26.00 1.15 25.28
CA ILE B 19 26.98 0.61 24.35
C ILE B 19 28.37 1.21 24.57
N GLN B 20 28.42 2.54 24.75
CA GLN B 20 29.68 3.24 24.94
C GLN B 20 30.41 2.81 26.20
N LYS B 21 29.67 2.18 27.12
CA LYS B 21 30.25 1.71 28.36
C LYS B 21 30.93 0.36 28.15
N LEU B 22 30.61 -0.28 27.02
CA LEU B 22 31.13 -1.62 26.73
C LEU B 22 32.29 -1.59 25.74
N THR B 23 32.49 -0.44 25.11
CA THR B 23 33.56 -0.29 24.14
C THR B 23 33.99 1.18 24.05
N SER B 24 35.23 1.39 23.62
CA SER B 24 35.81 2.73 23.50
C SER B 24 35.93 3.14 22.05
N ILE B 25 35.59 2.22 21.15
CA ILE B 25 35.61 2.50 19.72
C ILE B 25 34.52 3.50 19.33
N VAL B 26 34.94 4.62 18.73
CA VAL B 26 34.01 5.53 18.10
C VAL B 26 33.97 5.22 16.61
N PRO B 27 32.88 4.59 16.15
CA PRO B 27 32.75 4.15 14.77
C PRO B 27 32.50 5.33 13.82
N GLU B 28 33.12 5.31 12.64
CA GLU B 28 32.88 6.35 11.65
C GLU B 28 32.13 5.77 10.45
N ILE B 29 32.24 4.46 10.27
CA ILE B 29 31.55 3.75 9.20
C ILE B 29 30.65 2.64 9.75
N GLY B 30 29.40 2.65 9.33
CA GLY B 30 28.47 1.60 9.74
C GLY B 30 28.23 0.60 8.62
N ILE B 31 28.28 -0.68 8.97
CA ILE B 31 28.11 -1.71 7.97
C ILE B 31 26.99 -2.66 8.33
N ILE B 32 26.00 -2.74 7.45
CA ILE B 32 24.93 -3.70 7.62
C ILE B 32 25.21 -4.86 6.67
N CYS B 33 25.67 -6.01 7.09
CA CYS B 33 25.96 -6.97 6.02
C CYS B 33 24.78 -7.90 5.81
N GLY B 34 24.44 -8.19 4.57
CA GLY B 34 23.18 -8.84 4.32
C GLY B 34 23.19 -10.20 3.69
N SER B 35 23.34 -10.24 2.38
CA SER B 35 23.84 -11.40 1.66
C SER B 35 25.19 -11.06 1.05
N GLY B 36 26.24 -11.80 1.40
CA GLY B 36 26.16 -12.93 2.29
C GLY B 36 27.58 -13.33 2.62
N LEU B 40 32.65 -11.77 6.21
CA LEU B 40 33.54 -10.66 6.44
C LEU B 40 33.74 -10.38 7.89
N ALA B 41 32.64 -10.11 8.57
CA ALA B 41 32.74 -9.61 9.93
C ALA B 41 34.02 -10.00 10.61
N ASP B 42 34.47 -11.24 10.45
CA ASP B 42 35.78 -11.53 10.98
C ASP B 42 36.77 -10.48 10.53
N GLY B 43 37.06 -10.45 9.26
CA GLY B 43 38.25 -9.68 8.95
C GLY B 43 38.48 -8.47 9.84
N VAL B 44 37.43 -8.05 10.56
CA VAL B 44 37.53 -6.88 11.43
C VAL B 44 38.57 -7.11 12.50
N LYS B 45 39.49 -6.16 12.64
CA LYS B 45 40.62 -6.33 13.55
C LYS B 45 40.44 -5.57 14.85
N ASP B 46 41.04 -6.11 15.92
CA ASP B 46 40.91 -5.54 17.27
C ASP B 46 39.46 -5.44 17.71
N LYS B 47 38.68 -6.46 17.36
CA LYS B 47 37.23 -6.41 17.44
C LYS B 47 36.66 -6.82 18.79
N ILE B 48 35.63 -6.09 19.21
CA ILE B 48 34.82 -6.50 20.34
C ILE B 48 33.39 -6.77 19.88
N THR B 49 32.86 -7.90 20.34
CA THR B 49 31.52 -8.33 19.95
C THR B 49 30.53 -8.10 21.08
N ILE B 50 29.49 -7.32 20.80
CA ILE B 50 28.43 -7.10 21.77
C ILE B 50 27.14 -7.73 21.24
N PRO B 51 26.59 -8.71 21.97
CA PRO B 51 25.32 -9.37 21.62
C PRO B 51 24.12 -8.46 21.91
N TYR B 52 23.16 -8.42 20.99
CA TYR B 52 22.01 -7.54 21.16
C TYR B 52 21.36 -7.76 22.52
N THR B 53 21.37 -9.03 22.96
CA THR B 53 20.76 -9.41 24.23
C THR B 53 21.39 -8.73 25.44
N LYS B 54 22.61 -8.22 25.28
CA LYS B 54 23.26 -7.54 26.38
C LYS B 54 23.02 -6.03 26.35
N ILE B 55 22.24 -5.58 25.36
CA ILE B 55 21.93 -4.15 25.21
C ILE B 55 20.48 -3.80 25.58
N PRO B 56 20.28 -3.16 26.74
CA PRO B 56 18.94 -2.79 27.20
C PRO B 56 18.18 -2.00 26.16
N ASN B 57 16.99 -2.48 25.81
CA ASN B 57 16.09 -1.80 24.86
C ASN B 57 16.51 -1.85 23.39
N PHE B 58 17.66 -2.44 23.11
CA PHE B 58 18.01 -2.67 21.70
C PHE B 58 17.06 -3.74 21.19
N PRO B 59 16.59 -3.58 19.95
CA PRO B 59 15.67 -4.57 19.37
C PRO B 59 16.30 -5.98 19.39
N GLN B 60 15.47 -7.02 19.55
CA GLN B 60 15.92 -8.40 19.57
C GLN B 60 15.66 -9.13 18.26
N THR B 61 16.54 -10.06 17.90
CA THR B 61 16.48 -10.71 16.60
C THR B 61 15.86 -12.12 16.65
N SER B 62 15.93 -12.84 15.52
CA SER B 62 15.16 -14.08 15.34
C SER B 62 15.82 -15.40 15.71
N VAL B 63 16.43 -15.38 16.90
CA VAL B 63 16.62 -16.56 17.72
C VAL B 63 16.99 -17.82 16.95
N VAL B 64 16.01 -18.66 16.64
CA VAL B 64 16.23 -20.09 16.37
C VAL B 64 17.02 -20.66 17.53
N GLY B 65 18.24 -20.16 17.68
CA GLY B 65 19.03 -20.35 18.87
C GLY B 65 19.99 -19.20 18.98
N HIS B 66 20.08 -18.37 17.93
CA HIS B 66 21.18 -17.40 17.86
C HIS B 66 20.84 -15.92 17.68
N SER B 67 21.34 -15.12 18.62
CA SER B 67 21.11 -13.68 18.67
C SER B 67 22.06 -12.90 17.76
N GLY B 68 21.63 -11.71 17.36
CA GLY B 68 22.49 -10.80 16.63
C GLY B 68 23.63 -10.20 17.46
N ASN B 69 24.59 -9.61 16.77
CA ASN B 69 25.69 -8.93 17.42
C ASN B 69 26.01 -7.59 16.78
N LEU B 70 26.57 -6.72 17.60
CA LEU B 70 27.12 -5.46 17.13
C LEU B 70 28.62 -5.65 17.24
N ILE B 71 29.35 -5.39 16.16
CA ILE B 71 30.78 -5.64 16.16
C ILE B 71 31.56 -4.38 15.90
N PHE B 72 32.33 -3.96 16.90
CA PHE B 72 33.16 -2.78 16.79
C PHE B 72 34.61 -3.23 16.56
N GLY B 73 35.40 -2.34 15.97
CA GLY B 73 36.77 -2.64 15.61
C GLY B 73 37.26 -1.81 14.43
N THR B 74 38.33 -2.26 13.78
CA THR B 74 38.87 -1.54 12.64
C THR B 74 38.94 -2.42 11.42
N LEU B 75 39.01 -1.76 10.26
CA LEU B 75 38.87 -2.42 8.99
C LEU B 75 39.51 -1.49 7.99
N SER B 76 40.56 -1.95 7.32
CA SER B 76 41.32 -1.10 6.42
C SER B 76 41.73 0.17 7.17
N GLY B 77 42.04 0.00 8.46
CA GLY B 77 42.52 1.10 9.26
C GLY B 77 41.44 2.10 9.63
N ARG B 78 40.19 1.76 9.35
CA ARG B 78 39.08 2.64 9.74
C ARG B 78 38.27 2.03 10.86
N LYS B 79 37.77 2.88 11.74
CA LYS B 79 36.90 2.41 12.82
C LYS B 79 35.48 2.20 12.31
N VAL B 80 35.00 0.97 12.42
CA VAL B 80 33.68 0.63 11.93
C VAL B 80 32.85 -0.04 13.01
N VAL B 81 31.54 -0.06 12.79
CA VAL B 81 30.64 -0.87 13.58
C VAL B 81 29.83 -1.68 12.58
N VAL B 82 29.69 -2.97 12.85
CA VAL B 82 29.01 -3.89 11.95
C VAL B 82 27.74 -4.47 12.60
N MET B 83 26.61 -4.38 11.89
CA MET B 83 25.39 -4.98 12.41
C MET B 83 25.26 -6.36 11.84
N GLN B 84 25.29 -7.35 12.73
CA GLN B 84 25.12 -8.73 12.33
C GLN B 84 23.74 -9.16 12.77
N GLY B 85 22.80 -9.22 11.83
CA GLY B 85 21.42 -9.50 12.18
C GLY B 85 20.52 -8.28 11.95
N ARG B 86 19.69 -8.35 10.92
CA ARG B 86 18.83 -7.22 10.55
C ARG B 86 17.39 -7.40 11.02
N PHE B 87 16.62 -6.34 10.86
CA PHE B 87 15.21 -6.36 11.21
C PHE B 87 14.40 -6.08 9.96
N HIS B 88 13.66 -7.09 9.51
CA HIS B 88 12.88 -6.97 8.28
C HIS B 88 11.39 -6.73 8.57
N MET B 89 10.77 -5.85 7.78
CA MET B 89 9.36 -5.49 8.01
C MET B 89 8.42 -6.67 7.93
N TYR B 90 8.66 -7.58 6.98
CA TYR B 90 7.83 -8.78 6.83
C TYR B 90 7.81 -9.65 8.10
N GLU B 91 8.79 -9.47 8.98
CA GLU B 91 8.81 -10.25 10.23
C GLU B 91 7.83 -9.68 11.23
N GLY B 92 7.34 -8.46 10.96
CA GLY B 92 6.38 -7.84 11.85
C GLY B 92 6.91 -6.76 12.79
N TYR B 93 8.16 -6.37 12.60
CA TYR B 93 8.79 -5.39 13.48
C TYR B 93 8.21 -4.01 13.22
N SER B 94 8.14 -3.18 14.25
CA SER B 94 7.62 -1.81 14.09
C SER B 94 8.61 -0.87 13.41
N ASN B 95 8.06 0.25 12.94
CA ASN B 95 8.86 1.33 12.39
C ASN B 95 9.95 1.77 13.37
N ASP B 96 9.57 1.89 14.63
CA ASP B 96 10.49 2.31 15.68
C ASP B 96 11.60 1.30 15.91
N THR B 97 11.24 0.02 15.89
CA THR B 97 12.24 -1.03 16.06
C THR B 97 13.29 -1.00 14.95
N VAL B 98 12.85 -0.89 13.70
CA VAL B 98 13.77 -0.84 12.57
C VAL B 98 14.62 0.44 12.58
N ALA B 99 14.04 1.55 13.02
CA ALA B 99 14.75 2.82 13.01
C ALA B 99 15.83 2.99 14.09
N LEU B 100 15.61 2.42 15.27
CA LEU B 100 16.48 2.68 16.42
C LEU B 100 17.96 2.38 16.19
N PRO B 101 18.28 1.19 15.65
CA PRO B 101 19.70 0.86 15.47
C PRO B 101 20.41 1.88 14.60
N ILE B 102 19.72 2.43 13.59
CA ILE B 102 20.33 3.38 12.68
C ILE B 102 20.55 4.70 13.40
N ARG B 103 19.56 5.10 14.20
CA ARG B 103 19.72 6.31 14.99
C ARG B 103 20.79 6.15 16.06
N VAL B 104 20.95 4.95 16.59
CA VAL B 104 22.02 4.73 17.55
C VAL B 104 23.38 4.94 16.88
N MET B 105 23.50 4.52 15.62
CA MET B 105 24.79 4.66 14.93
C MET B 105 25.14 6.14 14.83
N LYS B 106 24.13 6.95 14.52
CA LYS B 106 24.30 8.39 14.35
C LYS B 106 24.93 9.01 15.59
N LEU B 107 24.37 8.68 16.76
CA LEU B 107 24.88 9.19 18.02
C LEU B 107 26.25 8.62 18.39
N LEU B 108 26.58 7.44 17.89
CA LEU B 108 27.89 6.82 18.16
C LEU B 108 29.01 7.42 17.30
N GLY B 109 28.66 8.14 16.24
CA GLY B 109 29.64 8.81 15.42
C GLY B 109 29.61 8.46 13.94
N VAL B 110 28.80 7.48 13.55
CA VAL B 110 28.77 7.02 12.16
C VAL B 110 28.45 8.12 11.13
N LYS B 111 29.26 8.18 10.07
CA LYS B 111 29.11 9.20 9.02
C LYS B 111 28.68 8.57 7.70
N ILE B 112 29.05 7.30 7.49
CA ILE B 112 28.77 6.59 6.26
C ILE B 112 28.19 5.20 6.58
N LEU B 113 27.07 4.88 5.94
CA LEU B 113 26.48 3.54 6.06
C LEU B 113 26.71 2.75 4.78
N MET B 114 27.26 1.55 4.92
CA MET B 114 27.43 0.64 3.79
C MET B 114 26.57 -0.58 4.00
N VAL B 115 25.76 -0.91 3.01
CA VAL B 115 24.80 -2.00 3.14
C VAL B 115 24.75 -2.85 1.86
N SER B 116 24.76 -4.16 2.04
CA SER B 116 24.60 -5.07 0.92
C SER B 116 23.31 -5.87 1.15
N ASN B 117 22.73 -6.40 0.07
CA ASN B 117 21.58 -7.27 0.16
C ASN B 117 21.57 -8.24 -1.02
N ALA B 118 20.65 -9.22 -0.99
CA ALA B 118 20.38 -10.08 -2.15
C ALA B 118 19.11 -9.64 -2.85
N ALA B 119 19.08 -9.77 -4.18
CA ALA B 119 17.94 -9.30 -4.95
C ALA B 119 17.72 -10.10 -6.21
N GLY B 120 16.49 -10.10 -6.70
CA GLY B 120 16.20 -10.72 -7.99
C GLY B 120 16.47 -9.73 -9.12
N GLY B 121 16.97 -10.26 -10.24
CA GLY B 121 17.34 -9.41 -11.36
C GLY B 121 16.19 -9.24 -12.34
N LEU B 122 15.67 -8.02 -12.42
CA LEU B 122 14.60 -7.70 -13.39
C LEU B 122 15.19 -7.31 -14.74
N ASN B 123 16.12 -6.36 -14.73
CA ASN B 123 16.78 -5.93 -15.96
C ASN B 123 17.27 -7.14 -16.71
N ARG B 124 16.87 -7.27 -17.98
CA ARG B 124 17.13 -8.48 -18.76
C ARG B 124 18.59 -8.65 -19.14
N SER B 125 19.41 -7.64 -18.89
CA SER B 125 20.83 -7.72 -19.26
C SER B 125 21.67 -8.19 -18.09
N LEU B 126 21.05 -8.32 -16.93
CA LEU B 126 21.75 -8.79 -15.73
C LEU B 126 22.03 -10.30 -15.76
N LYS B 127 23.10 -10.72 -15.09
CA LYS B 127 23.40 -12.14 -14.97
C LYS B 127 23.56 -12.53 -13.51
N LEU B 128 23.31 -13.80 -13.24
CA LEU B 128 23.55 -14.37 -11.93
C LEU B 128 24.92 -13.97 -11.37
N GLY B 129 24.95 -13.54 -10.11
CA GLY B 129 26.21 -13.20 -9.47
C GLY B 129 26.69 -11.77 -9.73
N ASP B 130 25.97 -11.03 -10.57
CA ASP B 130 26.31 -9.61 -10.82
C ASP B 130 26.12 -8.74 -9.58
N PHE B 131 26.83 -7.61 -9.54
CA PHE B 131 26.67 -6.64 -8.47
C PHE B 131 25.95 -5.44 -9.04
N VAL B 132 24.86 -5.02 -8.41
CA VAL B 132 24.16 -3.83 -8.88
C VAL B 132 24.18 -2.78 -7.79
N ILE B 133 25.10 -1.83 -7.93
CA ILE B 133 25.11 -0.64 -7.07
C ILE B 133 23.78 0.12 -7.17
N LEU B 134 23.13 0.38 -6.04
CA LEU B 134 21.91 1.18 -6.06
C LEU B 134 22.26 2.63 -6.37
N LYS B 135 21.64 3.18 -7.39
CA LYS B 135 21.72 4.61 -7.61
C LYS B 135 20.39 5.29 -7.32
N ASP B 136 19.32 4.51 -7.14
CA ASP B 136 18.01 5.07 -6.80
C ASP B 136 17.09 3.95 -6.35
N HIS B 137 15.93 4.27 -5.79
CA HIS B 137 14.99 3.23 -5.38
C HIS B 137 13.54 3.62 -5.57
N ILE B 138 12.67 2.62 -5.56
CA ILE B 138 11.23 2.84 -5.53
C ILE B 138 10.69 2.12 -4.30
N TYR B 139 10.13 2.90 -3.38
CA TYR B 139 9.75 2.42 -2.07
C TYR B 139 8.25 2.16 -2.10
N LEU B 140 7.83 1.01 -2.62
CA LEU B 140 6.40 0.71 -2.75
C LEU B 140 5.61 0.82 -1.44
N PRO B 141 6.11 0.19 -0.35
CA PRO B 141 5.41 0.36 0.93
C PRO B 141 5.30 1.83 1.37
N GLY B 142 6.33 2.64 1.09
CA GLY B 142 6.31 4.05 1.48
C GLY B 142 5.28 4.86 0.71
N LEU B 143 5.19 4.62 -0.60
CA LEU B 143 4.16 5.23 -1.44
C LEU B 143 2.77 4.91 -0.91
N GLY B 144 2.65 3.78 -0.22
CA GLY B 144 1.34 3.29 0.19
C GLY B 144 0.99 3.49 1.64
N LEU B 145 1.67 4.43 2.32
CA LEU B 145 1.33 4.79 3.71
C LEU B 145 1.96 3.88 4.79
N ASN B 146 2.95 3.10 4.41
CA ASN B 146 3.71 2.31 5.38
C ASN B 146 5.17 2.73 5.40
N ASN B 147 5.39 4.02 5.16
CA ASN B 147 6.70 4.62 5.22
C ASN B 147 7.23 4.57 6.66
N ILE B 148 8.49 4.17 6.81
CA ILE B 148 9.08 4.03 8.14
C ILE B 148 8.97 5.33 8.95
N LEU B 149 8.85 6.46 8.26
CA LEU B 149 8.77 7.75 8.93
C LEU B 149 7.37 8.20 9.32
N VAL B 150 6.34 7.43 8.96
CA VAL B 150 4.96 7.80 9.33
C VAL B 150 4.83 7.93 10.85
N GLY B 151 4.17 9.00 11.29
CA GLY B 151 3.98 9.24 12.72
C GLY B 151 4.67 10.54 13.10
N PRO B 152 4.60 10.92 14.39
CA PRO B 152 5.26 12.17 14.79
C PRO B 152 6.74 12.18 14.41
N ASN B 153 7.23 13.31 13.89
CA ASN B 153 8.62 13.41 13.50
C ASN B 153 9.50 13.64 14.72
N GLN B 154 10.63 12.92 14.77
CA GLN B 154 11.59 13.12 15.84
C GLN B 154 12.58 14.20 15.37
N GLU B 155 12.32 15.43 15.80
CA GLU B 155 13.01 16.57 15.21
C GLU B 155 14.51 16.57 15.52
N ALA B 156 14.90 15.92 16.63
CA ALA B 156 16.32 15.83 17.00
C ALA B 156 17.15 15.11 15.95
N PHE B 157 16.51 14.25 15.16
CA PHE B 157 17.24 13.47 14.15
C PHE B 157 17.14 14.06 12.75
N GLY B 158 16.01 14.68 12.42
CA GLY B 158 15.82 15.25 11.09
C GLY B 158 14.48 15.94 10.86
N THR B 159 14.29 16.39 9.62
CA THR B 159 13.16 17.27 9.28
C THR B 159 11.87 16.48 9.00
N ARG B 160 10.74 17.18 9.00
CA ARG B 160 9.44 16.53 8.81
C ARG B 160 9.30 15.96 7.40
N PHE B 161 9.74 16.72 6.39
CA PHE B 161 9.62 16.33 4.98
C PHE B 161 10.95 16.21 4.26
N PRO B 162 11.62 15.06 4.41
CA PRO B 162 12.95 14.89 3.82
C PRO B 162 12.90 14.70 2.31
N ALA B 163 13.83 15.30 1.60
CA ALA B 163 14.03 14.98 0.18
C ALA B 163 15.02 13.83 0.07
N LEU B 164 14.97 13.09 -1.02
CA LEU B 164 15.85 11.95 -1.19
C LEU B 164 16.67 12.20 -2.44
N SER B 165 17.07 13.45 -2.62
CA SER B 165 17.73 13.89 -3.83
C SER B 165 18.93 13.03 -4.21
N ASN B 166 19.96 13.02 -3.38
CA ASN B 166 21.14 12.24 -3.72
C ASN B 166 21.28 11.11 -2.73
N ALA B 167 20.21 10.37 -2.53
CA ALA B 167 20.15 9.39 -1.47
C ALA B 167 21.33 8.42 -1.54
N TYR B 168 21.66 7.95 -2.75
CA TYR B 168 22.80 7.06 -2.93
C TYR B 168 24.02 7.83 -3.42
N ASP B 169 24.76 8.37 -2.45
CA ASP B 169 25.84 9.30 -2.75
C ASP B 169 26.59 8.97 -4.04
N ARG B 170 26.49 9.86 -5.02
CA ARG B 170 27.16 9.67 -6.32
C ARG B 170 28.69 9.50 -6.22
N ASP B 171 29.32 10.17 -5.25
CA ASP B 171 30.78 10.07 -5.08
C ASP B 171 31.21 8.69 -4.57
N LEU B 172 30.45 8.14 -3.63
CA LEU B 172 30.71 6.79 -3.17
C LEU B 172 30.52 5.78 -4.32
N ARG B 173 29.50 6.02 -5.13
CA ARG B 173 29.25 5.11 -6.24
C ARG B 173 30.42 5.12 -7.23
N LYS B 174 30.88 6.32 -7.56
CA LYS B 174 32.01 6.48 -8.48
C LYS B 174 33.24 5.75 -7.94
N LEU B 175 33.50 5.93 -6.66
CA LEU B 175 34.63 5.29 -6.02
C LEU B 175 34.53 3.78 -6.09
N ALA B 176 33.35 3.24 -5.79
CA ALA B 176 33.17 1.80 -5.79
C ALA B 176 33.39 1.22 -7.18
N VAL B 177 32.88 1.89 -8.20
CA VAL B 177 33.16 1.48 -9.57
C VAL B 177 34.65 1.49 -9.88
N GLN B 178 35.36 2.54 -9.42
CA GLN B 178 36.80 2.63 -9.67
C GLN B 178 37.56 1.49 -9.04
N VAL B 179 37.20 1.15 -7.80
CA VAL B 179 37.84 0.04 -7.10
C VAL B 179 37.61 -1.30 -7.81
N ALA B 180 36.37 -1.56 -8.22
CA ALA B 180 36.08 -2.80 -8.94
C ALA B 180 36.91 -2.86 -10.22
N GLU B 181 36.96 -1.73 -10.94
CA GLU B 181 37.65 -1.66 -12.23
C GLU B 181 39.12 -1.98 -12.09
N GLU B 182 39.79 -1.37 -11.13
CA GLU B 182 41.25 -1.53 -10.98
C GLU B 182 41.63 -2.85 -10.33
N ASN B 183 40.65 -3.53 -9.71
CA ASN B 183 40.89 -4.85 -9.15
C ASN B 183 40.40 -5.98 -10.04
N GLY B 184 40.07 -5.60 -11.28
CA GLY B 184 39.80 -6.56 -12.32
C GLY B 184 38.44 -7.26 -12.31
N PHE B 185 37.44 -6.67 -11.67
CA PHE B 185 36.08 -7.22 -11.81
C PHE B 185 35.03 -6.18 -12.17
N GLY B 186 35.49 -5.11 -12.84
CA GLY B 186 34.61 -4.06 -13.29
C GLY B 186 33.47 -4.57 -14.16
N ASN B 187 33.64 -5.77 -14.71
CA ASN B 187 32.65 -6.35 -15.60
C ASN B 187 31.46 -6.95 -14.88
N LEU B 188 31.57 -7.11 -13.55
CA LEU B 188 30.47 -7.65 -12.75
C LEU B 188 29.58 -6.54 -12.22
N VAL B 189 30.04 -5.30 -12.33
CA VAL B 189 29.39 -4.20 -11.63
C VAL B 189 28.49 -3.35 -12.51
N HIS B 190 27.23 -3.23 -12.09
CA HIS B 190 26.25 -2.35 -12.75
C HIS B 190 25.70 -1.35 -11.75
N GLN B 191 24.94 -0.36 -12.24
CA GLN B 191 24.22 0.55 -11.36
C GLN B 191 22.74 0.53 -11.78
N GLY B 192 21.83 0.60 -10.81
CA GLY B 192 20.43 0.52 -11.19
C GLY B 192 19.43 0.91 -10.10
N VAL B 193 18.15 0.72 -10.41
CA VAL B 193 17.08 1.05 -9.47
C VAL B 193 16.60 -0.19 -8.71
N TYR B 194 16.56 -0.08 -7.40
CA TYR B 194 16.08 -1.14 -6.52
C TYR B 194 14.65 -0.84 -6.07
N VAL B 195 13.76 -1.81 -6.25
CA VAL B 195 12.39 -1.64 -5.75
C VAL B 195 12.13 -2.60 -4.58
N MET B 196 11.48 -2.09 -3.55
CA MET B 196 11.18 -2.90 -2.38
C MET B 196 9.79 -3.50 -2.43
N ASN B 197 9.73 -4.82 -2.32
CA ASN B 197 8.50 -5.55 -2.13
C ASN B 197 8.41 -5.89 -0.65
N GLY B 198 7.31 -5.49 0.00
CA GLY B 198 7.10 -5.68 1.42
C GLY B 198 7.35 -7.10 1.93
N GLY B 199 7.05 -8.10 1.09
CA GLY B 199 7.31 -9.49 1.43
C GLY B 199 6.23 -10.16 2.29
N PRO B 200 6.46 -11.42 2.68
CA PRO B 200 7.68 -12.20 2.45
C PRO B 200 7.65 -13.07 1.19
N CYS B 201 6.62 -12.96 0.35
CA CYS B 201 6.52 -13.75 -0.88
C CYS B 201 7.45 -13.23 -1.97
N TYR B 202 8.00 -14.15 -2.77
CA TYR B 202 8.63 -13.80 -4.03
C TYR B 202 7.56 -13.27 -4.98
N GLU B 203 7.99 -12.48 -5.96
CA GLU B 203 7.10 -11.92 -6.97
C GLU B 203 6.54 -12.99 -7.93
N THR B 204 5.29 -12.83 -8.32
CA THR B 204 4.74 -13.61 -9.43
C THR B 204 5.37 -13.08 -10.72
N PRO B 205 5.31 -13.87 -11.80
CA PRO B 205 5.79 -13.37 -13.09
C PRO B 205 5.08 -12.05 -13.52
N ALA B 206 3.80 -11.91 -13.22
CA ALA B 206 3.07 -10.69 -13.58
C ALA B 206 3.63 -9.50 -12.80
N GLU B 207 3.90 -9.71 -11.52
CA GLU B 207 4.42 -8.65 -10.67
C GLU B 207 5.81 -8.22 -11.16
N CYS B 208 6.62 -9.20 -11.56
CA CYS B 208 7.95 -8.90 -12.07
C CYS B 208 7.89 -8.09 -13.37
N THR B 209 7.02 -8.51 -14.27
CA THR B 209 6.81 -7.81 -15.52
C THR B 209 6.37 -6.36 -15.27
N MET B 210 5.43 -6.17 -14.34
CA MET B 210 5.02 -4.81 -13.96
C MET B 210 6.18 -3.99 -13.39
N LEU B 211 6.96 -4.60 -12.50
CA LEU B 211 8.04 -3.85 -11.85
C LEU B 211 9.11 -3.46 -12.87
N LEU B 212 9.38 -4.35 -13.82
CA LEU B 212 10.37 -4.06 -14.86
C LEU B 212 9.90 -2.89 -15.70
N ASN B 213 8.65 -2.93 -16.13
CA ASN B 213 8.10 -1.85 -16.93
C ASN B 213 8.00 -0.55 -16.12
N MET B 214 8.04 -0.66 -14.79
CA MET B 214 8.08 0.53 -13.94
C MET B 214 9.46 1.16 -13.95
N GLY B 215 10.43 0.48 -14.56
CA GLY B 215 11.79 0.98 -14.61
C GLY B 215 12.70 0.45 -13.52
N CYS B 216 12.28 -0.61 -12.84
CA CYS B 216 13.11 -1.21 -11.81
C CYS B 216 14.15 -2.18 -12.38
N ASP B 217 15.33 -2.20 -11.78
CA ASP B 217 16.36 -3.13 -12.24
C ASP B 217 16.45 -4.40 -11.39
N VAL B 218 16.34 -4.25 -10.07
CA VAL B 218 16.40 -5.39 -9.15
C VAL B 218 15.31 -5.22 -8.11
N VAL B 219 14.98 -6.31 -7.42
CA VAL B 219 13.88 -6.30 -6.46
C VAL B 219 14.24 -7.10 -5.23
N GLY B 220 13.92 -6.55 -4.05
CA GLY B 220 14.21 -7.22 -2.79
C GLY B 220 13.19 -6.83 -1.72
N MET B 221 13.43 -7.24 -0.47
CA MET B 221 12.46 -7.02 0.62
C MET B 221 13.04 -6.18 1.76
N SER B 222 14.16 -5.50 1.54
CA SER B 222 14.85 -4.82 2.64
C SER B 222 15.42 -3.46 2.28
N THR B 223 16.20 -2.91 3.20
CA THR B 223 17.18 -1.87 2.88
C THR B 223 16.64 -0.44 2.80
N ILE B 224 15.65 -0.23 1.96
CA ILE B 224 15.07 1.10 1.84
C ILE B 224 14.68 1.74 3.18
N PRO B 225 14.08 0.98 4.10
CA PRO B 225 13.70 1.65 5.36
C PRO B 225 14.89 2.19 6.13
N GLU B 226 15.96 1.40 6.22
CA GLU B 226 17.23 1.86 6.80
C GLU B 226 17.78 3.07 6.06
N VAL B 227 17.79 2.99 4.72
CA VAL B 227 18.33 4.09 3.92
C VAL B 227 17.55 5.37 4.21
N VAL B 228 16.22 5.26 4.28
CA VAL B 228 15.39 6.41 4.55
C VAL B 228 15.75 6.99 5.94
N ILE B 229 15.90 6.15 6.94
CA ILE B 229 16.26 6.64 8.26
C ILE B 229 17.67 7.25 8.27
N ALA B 230 18.60 6.62 7.55
CA ALA B 230 19.97 7.12 7.47
C ALA B 230 20.00 8.52 6.87
N ARG B 231 19.39 8.65 5.69
CA ARG B 231 19.39 9.96 5.04
C ARG B 231 18.67 10.99 5.92
N HIS B 232 17.59 10.57 6.57
CA HIS B 232 16.83 11.49 7.43
C HIS B 232 17.72 12.18 8.47
N CYS B 233 18.67 11.43 9.04
CA CYS B 233 19.57 11.98 10.07
C CYS B 233 20.96 12.28 9.50
N GLY B 234 21.04 12.41 8.18
CA GLY B 234 22.22 12.95 7.53
C GLY B 234 23.41 12.02 7.42
N ILE B 235 23.17 10.72 7.37
CA ILE B 235 24.24 9.76 7.13
C ILE B 235 24.38 9.45 5.63
N GLN B 236 25.59 9.47 5.10
CA GLN B 236 25.81 9.13 3.69
C GLN B 236 25.64 7.62 3.47
N VAL B 237 25.07 7.25 2.34
CA VAL B 237 24.68 5.87 2.12
C VAL B 237 25.34 5.27 0.90
N PHE B 238 25.86 4.05 1.05
CA PHE B 238 26.28 3.24 -0.09
C PHE B 238 25.65 1.85 -0.01
N ALA B 239 25.04 1.41 -1.10
CA ALA B 239 24.31 0.14 -1.07
C ALA B 239 24.48 -0.65 -2.36
N VAL B 240 24.66 -1.96 -2.23
CA VAL B 240 24.79 -2.84 -3.39
C VAL B 240 23.91 -4.07 -3.26
N SER B 241 23.32 -4.47 -4.39
CA SER B 241 22.60 -5.74 -4.47
C SER B 241 23.42 -6.80 -5.20
N LEU B 242 23.43 -8.01 -4.64
CA LEU B 242 23.98 -9.19 -5.31
C LEU B 242 22.83 -9.89 -6.02
N VAL B 243 22.93 -10.03 -7.33
CA VAL B 243 21.88 -10.69 -8.07
C VAL B 243 21.94 -12.19 -7.78
N THR B 244 21.07 -12.67 -6.91
CA THR B 244 21.08 -14.07 -6.50
C THR B 244 20.14 -14.95 -7.32
N ASN B 245 19.40 -14.34 -8.23
CA ASN B 245 18.48 -15.06 -9.13
C ASN B 245 17.99 -14.15 -10.25
N ILE B 246 17.60 -14.77 -11.36
CA ILE B 246 16.98 -14.03 -12.45
C ILE B 246 15.46 -14.10 -12.36
N SER B 247 14.83 -12.94 -12.26
CA SER B 247 13.38 -12.90 -12.16
C SER B 247 12.70 -13.58 -13.35
N VAL B 248 11.72 -14.44 -13.06
CA VAL B 248 10.96 -15.09 -14.12
C VAL B 248 9.76 -14.24 -14.53
N LEU B 249 9.66 -13.91 -15.82
CA LEU B 249 8.63 -12.97 -16.29
C LEU B 249 7.45 -13.68 -16.95
N ASP B 250 7.60 -14.98 -17.18
CA ASP B 250 6.62 -15.71 -17.95
C ASP B 250 5.93 -16.80 -17.14
N VAL B 251 4.60 -16.77 -17.09
CA VAL B 251 3.84 -17.80 -16.38
C VAL B 251 4.04 -19.20 -16.94
N GLU B 252 4.41 -19.29 -18.22
CA GLU B 252 4.58 -20.59 -18.86
C GLU B 252 5.90 -21.30 -18.50
N SER B 253 6.86 -20.56 -17.93
CA SER B 253 8.15 -21.13 -17.54
C SER B 253 8.04 -22.15 -16.39
N ALA B 267 26.75 -16.95 -0.89
CA ALA B 267 27.94 -17.54 -0.30
C ALA B 267 29.08 -17.68 -1.32
N GLN B 268 28.72 -17.76 -2.59
CA GLN B 268 29.70 -17.90 -3.67
C GLN B 268 30.48 -16.60 -3.93
N ARG B 269 29.79 -15.48 -3.84
CA ARG B 269 30.36 -14.17 -4.15
C ARG B 269 30.81 -13.44 -2.90
N ALA B 270 30.56 -14.07 -1.74
CA ALA B 270 30.86 -13.48 -0.43
C ALA B 270 32.30 -12.98 -0.30
N GLU B 271 33.25 -13.79 -0.73
CA GLU B 271 34.64 -13.44 -0.58
C GLU B 271 34.93 -12.21 -1.45
N LEU B 272 34.34 -12.19 -2.64
CA LEU B 272 34.59 -11.10 -3.57
C LEU B 272 34.00 -9.82 -3.01
N MET B 273 32.79 -9.95 -2.50
CA MET B 273 32.09 -8.79 -1.97
C MET B 273 32.79 -8.21 -0.75
N GLN B 274 33.31 -9.09 0.10
CA GLN B 274 34.02 -8.67 1.29
C GLN B 274 35.24 -7.88 0.87
N SER B 275 36.00 -8.44 -0.07
CA SER B 275 37.21 -7.79 -0.55
C SER B 275 36.87 -6.42 -1.12
N TRP B 276 35.76 -6.35 -1.87
CA TRP B 276 35.32 -5.08 -2.46
C TRP B 276 35.02 -4.00 -1.42
N PHE B 277 34.29 -4.36 -0.38
CA PHE B 277 33.98 -3.41 0.69
C PHE B 277 35.25 -3.02 1.42
N GLU B 278 36.14 -4.00 1.61
CA GLU B 278 37.39 -3.73 2.31
C GLU B 278 38.23 -2.71 1.55
N LYS B 279 38.28 -2.86 0.23
CA LYS B 279 39.11 -1.99 -0.61
C LYS B 279 38.46 -0.63 -0.83
N ILE B 280 37.14 -0.56 -0.75
CA ILE B 280 36.45 0.71 -0.78
C ILE B 280 36.78 1.50 0.48
N ILE B 281 36.60 0.86 1.64
CA ILE B 281 36.80 1.55 2.89
C ILE B 281 38.21 2.12 2.97
N GLU B 282 39.16 1.41 2.38
CA GLU B 282 40.56 1.80 2.43
C GLU B 282 40.80 3.10 1.67
N LYS B 283 39.91 3.43 0.76
CA LYS B 283 40.08 4.63 -0.07
C LYS B 283 39.13 5.77 0.28
N LEU B 284 38.25 5.54 1.26
CA LEU B 284 37.30 6.57 1.67
C LEU B 284 38.04 7.81 2.11
N PRO B 285 37.60 8.98 1.61
CA PRO B 285 38.24 10.21 2.06
C PRO B 285 38.06 10.28 3.56
N LYS B 286 39.15 10.49 4.28
CA LYS B 286 39.08 10.62 5.74
C LYS B 286 39.19 12.08 6.12
N ASP B 287 38.20 12.57 6.85
CA ASP B 287 38.20 13.94 7.31
C ASP B 287 39.60 14.35 7.72
N SER C 4 -8.54 -11.39 17.66
CA SER C 4 -8.67 -12.69 17.02
C SER C 4 -7.50 -13.62 17.38
N VAL C 5 -7.79 -14.91 17.43
CA VAL C 5 -6.78 -15.90 17.81
C VAL C 5 -5.77 -16.10 16.69
N THR C 6 -4.51 -16.24 17.07
CA THR C 6 -3.44 -16.46 16.11
C THR C 6 -3.71 -17.75 15.35
N ALA C 7 -3.48 -17.72 14.04
CA ALA C 7 -3.63 -18.90 13.21
C ALA C 7 -2.39 -19.82 13.30
N ASN C 8 -2.03 -20.19 14.52
CA ASN C 8 -0.93 -21.12 14.76
C ASN C 8 -1.45 -22.56 14.83
N ILE C 9 -0.53 -23.52 14.84
CA ILE C 9 -0.95 -24.92 14.79
C ILE C 9 -1.89 -25.29 15.96
N GLU C 10 -1.64 -24.72 17.14
CA GLU C 10 -2.44 -25.03 18.32
C GLU C 10 -3.91 -24.64 18.13
N ASN C 11 -4.15 -23.38 17.79
CA ASN C 11 -5.50 -22.88 17.59
C ASN C 11 -6.22 -23.53 16.41
N VAL C 12 -5.50 -23.74 15.31
CA VAL C 12 -6.09 -24.39 14.14
C VAL C 12 -6.47 -25.82 14.45
N LYS C 13 -5.60 -26.52 15.17
CA LYS C 13 -5.89 -27.88 15.59
C LYS C 13 -7.17 -27.90 16.40
N LYS C 14 -7.28 -26.99 17.37
CA LYS C 14 -8.45 -26.93 18.22
C LYS C 14 -9.75 -26.78 17.41
N VAL C 15 -9.76 -25.86 16.45
CA VAL C 15 -10.93 -25.64 15.60
C VAL C 15 -11.23 -26.85 14.70
N ALA C 16 -10.19 -27.42 14.10
CA ALA C 16 -10.38 -28.59 13.25
C ALA C 16 -11.03 -29.73 14.03
N HIS C 17 -10.58 -29.94 15.27
CA HIS C 17 -11.07 -31.06 16.05
C HIS C 17 -12.54 -30.88 16.41
N HIS C 18 -12.92 -29.65 16.78
CA HIS C 18 -14.32 -29.38 17.08
C HIS C 18 -15.22 -29.72 15.90
N ILE C 19 -14.82 -29.26 14.72
CA ILE C 19 -15.55 -29.54 13.49
C ILE C 19 -15.67 -31.03 13.24
N GLN C 20 -14.58 -31.75 13.44
CA GLN C 20 -14.55 -33.18 13.18
C GLN C 20 -15.51 -33.95 14.11
N LYS C 21 -15.92 -33.30 15.19
CA LYS C 21 -16.84 -33.90 16.13
C LYS C 21 -18.28 -33.75 15.65
N LEU C 22 -18.47 -32.87 14.67
CA LEU C 22 -19.81 -32.56 14.19
C LEU C 22 -20.11 -33.25 12.87
N THR C 23 -19.08 -33.79 12.25
CA THR C 23 -19.23 -34.47 10.95
C THR C 23 -18.12 -35.50 10.77
N SER C 24 -18.40 -36.48 9.92
CA SER C 24 -17.47 -37.58 9.67
C SER C 24 -16.86 -37.46 8.27
N ILE C 25 -17.33 -36.46 7.54
CA ILE C 25 -16.81 -36.20 6.19
C ILE C 25 -15.38 -35.68 6.22
N VAL C 26 -14.46 -36.42 5.59
CA VAL C 26 -13.12 -35.91 5.35
C VAL C 26 -13.08 -35.28 3.96
N PRO C 27 -13.06 -33.94 3.90
CA PRO C 27 -13.11 -33.21 2.62
C PRO C 27 -11.80 -33.32 1.85
N GLU C 28 -11.87 -33.48 0.54
CA GLU C 28 -10.66 -33.47 -0.26
C GLU C 28 -10.59 -32.23 -1.16
N ILE C 29 -11.74 -31.64 -1.41
CA ILE C 29 -11.82 -30.40 -2.17
C ILE C 29 -12.52 -29.30 -1.37
N GLY C 30 -11.88 -28.14 -1.33
CA GLY C 30 -12.44 -26.98 -0.65
C GLY C 30 -12.95 -25.98 -1.66
N ILE C 31 -14.14 -25.45 -1.39
CA ILE C 31 -14.76 -24.52 -2.32
C ILE C 31 -15.16 -23.24 -1.59
N ILE C 32 -14.61 -22.14 -2.06
CA ILE C 32 -15.03 -20.84 -1.58
C ILE C 32 -15.98 -20.25 -2.60
N CYS C 33 -17.27 -20.24 -2.27
CA CYS C 33 -18.31 -19.71 -3.15
C CYS C 33 -18.23 -18.20 -3.16
N GLY C 34 -17.96 -17.62 -4.32
CA GLY C 34 -17.98 -16.17 -4.45
C GLY C 34 -19.23 -15.72 -5.18
N SER C 35 -19.05 -14.88 -6.18
CA SER C 35 -20.14 -14.51 -7.06
C SER C 35 -20.34 -15.63 -8.09
N GLY C 36 -21.52 -16.22 -8.09
CA GLY C 36 -21.82 -17.26 -9.06
C GLY C 36 -21.91 -18.67 -8.48
N LEU C 37 -21.40 -18.86 -7.27
CA LEU C 37 -21.45 -20.18 -6.64
C LEU C 37 -22.51 -20.25 -5.55
N GLY C 38 -23.53 -19.41 -5.68
CA GLY C 38 -24.64 -19.46 -4.75
C GLY C 38 -25.38 -20.78 -4.80
N LYS C 39 -25.65 -21.25 -6.02
CA LYS C 39 -26.44 -22.46 -6.23
C LYS C 39 -25.67 -23.73 -5.90
N LEU C 40 -24.35 -23.68 -6.08
CA LEU C 40 -23.48 -24.83 -5.85
C LEU C 40 -23.71 -25.45 -4.47
N ALA C 41 -23.81 -24.60 -3.45
CA ALA C 41 -24.03 -25.06 -2.09
C ALA C 41 -25.19 -26.05 -1.99
N ASP C 42 -26.24 -25.81 -2.78
CA ASP C 42 -27.44 -26.63 -2.73
C ASP C 42 -27.22 -28.02 -3.32
N GLY C 43 -26.66 -28.06 -4.53
CA GLY C 43 -26.45 -29.32 -5.21
C GLY C 43 -25.68 -30.35 -4.41
N VAL C 44 -25.01 -29.91 -3.36
CA VAL C 44 -24.21 -30.81 -2.53
C VAL C 44 -25.09 -31.87 -1.90
N LYS C 45 -24.70 -33.14 -2.06
CA LYS C 45 -25.53 -34.25 -1.62
C LYS C 45 -25.07 -34.84 -0.30
N ASP C 46 -26.01 -35.38 0.47
CA ASP C 46 -25.73 -35.95 1.78
C ASP C 46 -25.08 -34.92 2.69
N LYS C 47 -25.58 -33.69 2.60
CA LYS C 47 -24.87 -32.56 3.18
C LYS C 47 -25.23 -32.26 4.62
N ILE C 48 -24.22 -31.89 5.42
CA ILE C 48 -24.43 -31.35 6.75
C ILE C 48 -23.97 -29.90 6.80
N THR C 49 -24.81 -29.05 7.38
CA THR C 49 -24.50 -27.64 7.49
C THR C 49 -24.08 -27.27 8.90
N ILE C 50 -22.90 -26.69 9.03
CA ILE C 50 -22.42 -26.20 10.32
C ILE C 50 -22.26 -24.69 10.25
N PRO C 51 -23.01 -23.95 11.07
CA PRO C 51 -22.95 -22.49 11.15
C PRO C 51 -21.70 -22.02 11.88
N TYR C 52 -21.05 -20.98 11.38
CA TYR C 52 -19.81 -20.51 11.97
C TYR C 52 -19.99 -20.25 13.47
N THR C 53 -21.19 -19.79 13.85
CA THR C 53 -21.50 -19.46 15.24
C THR C 53 -21.42 -20.65 16.18
N LYS C 54 -21.50 -21.86 15.62
CA LYS C 54 -21.41 -23.06 16.43
C LYS C 54 -19.99 -23.60 16.54
N ILE C 55 -19.03 -22.91 15.90
CA ILE C 55 -17.63 -23.33 15.92
C ILE C 55 -16.75 -22.40 16.75
N PRO C 56 -16.33 -22.86 17.94
CA PRO C 56 -15.52 -22.06 18.85
C PRO C 56 -14.27 -21.52 18.17
N ASN C 57 -14.08 -20.21 18.23
CA ASN C 57 -12.90 -19.54 17.69
C ASN C 57 -12.83 -19.46 16.17
N PHE C 58 -13.82 -20.00 15.47
CA PHE C 58 -13.91 -19.77 14.03
C PHE C 58 -14.33 -18.33 13.83
N PRO C 59 -13.75 -17.67 12.82
CA PRO C 59 -14.07 -16.25 12.61
C PRO C 59 -15.56 -16.05 12.35
N GLN C 60 -16.11 -14.91 12.73
CA GLN C 60 -17.54 -14.63 12.57
C GLN C 60 -17.79 -13.68 11.41
N THR C 61 -18.92 -13.85 10.73
CA THR C 61 -19.22 -13.09 9.51
C THR C 61 -20.22 -11.93 9.72
N SER C 62 -20.67 -11.33 8.61
CA SER C 62 -21.43 -10.06 8.64
C SER C 62 -22.89 -10.11 8.14
N VAL C 63 -23.25 -11.11 7.32
CA VAL C 63 -24.30 -10.94 6.25
C VAL C 63 -25.74 -10.44 6.56
N VAL C 64 -25.86 -9.12 6.66
CA VAL C 64 -27.09 -8.50 7.13
C VAL C 64 -27.76 -9.35 8.20
N GLY C 65 -26.96 -9.77 9.19
CA GLY C 65 -27.48 -10.52 10.31
C GLY C 65 -27.27 -12.02 10.27
N HIS C 66 -27.59 -12.64 9.13
CA HIS C 66 -27.39 -14.07 8.86
C HIS C 66 -25.92 -14.49 8.86
N SER C 67 -25.64 -15.57 9.60
CA SER C 67 -24.28 -16.09 9.75
C SER C 67 -23.84 -16.98 8.58
N GLY C 68 -22.52 -17.09 8.42
CA GLY C 68 -21.95 -18.00 7.43
C GLY C 68 -22.05 -19.46 7.85
N ASN C 69 -21.85 -20.35 6.89
CA ASN C 69 -21.90 -21.78 7.14
C ASN C 69 -20.75 -22.52 6.47
N LEU C 70 -20.36 -23.64 7.08
CA LEU C 70 -19.45 -24.59 6.49
C LEU C 70 -20.33 -25.75 6.05
N ILE C 71 -20.21 -26.18 4.80
CA ILE C 71 -21.06 -27.23 4.29
C ILE C 71 -20.25 -28.43 3.83
N PHE C 72 -20.41 -29.55 4.52
CA PHE C 72 -19.73 -30.78 4.15
C PHE C 72 -20.72 -31.68 3.41
N GLY C 73 -20.19 -32.58 2.58
CA GLY C 73 -21.01 -33.46 1.77
C GLY C 73 -20.26 -33.91 0.55
N THR C 74 -20.98 -34.40 -0.45
CA THR C 74 -20.35 -34.85 -1.69
C THR C 74 -20.91 -34.10 -2.89
N LEU C 75 -20.17 -34.17 -3.98
CA LEU C 75 -20.45 -33.36 -5.15
C LEU C 75 -19.72 -34.05 -6.28
N SER C 76 -20.47 -34.55 -7.26
CA SER C 76 -19.90 -35.33 -8.35
C SER C 76 -19.12 -36.51 -7.77
N GLY C 77 -19.63 -37.04 -6.67
CA GLY C 77 -19.05 -38.20 -6.03
C GLY C 77 -17.77 -37.89 -5.25
N ARG C 78 -17.44 -36.62 -5.09
CA ARG C 78 -16.24 -36.24 -4.35
C ARG C 78 -16.62 -35.56 -3.04
N LYS C 79 -15.80 -35.78 -2.02
CA LYS C 79 -16.07 -35.21 -0.72
C LYS C 79 -15.52 -33.79 -0.69
N VAL C 80 -16.40 -32.83 -0.44
CA VAL C 80 -16.02 -31.43 -0.46
C VAL C 80 -16.43 -30.73 0.83
N VAL C 81 -15.84 -29.58 1.07
CA VAL C 81 -16.30 -28.67 2.10
C VAL C 81 -16.44 -27.33 1.43
N VAL C 82 -17.55 -26.64 1.70
CA VAL C 82 -17.88 -25.40 1.03
C VAL C 82 -17.95 -24.26 2.06
N MET C 83 -17.20 -23.19 1.83
CA MET C 83 -17.32 -22.03 2.70
C MET C 83 -18.38 -21.10 2.15
N GLN C 84 -19.44 -20.89 2.94
CA GLN C 84 -20.49 -19.97 2.56
C GLN C 84 -20.38 -18.74 3.44
N GLY C 85 -19.79 -17.67 2.89
CA GLY C 85 -19.44 -16.51 3.68
C GLY C 85 -17.95 -16.29 3.81
N ARG C 86 -17.44 -15.25 3.15
CA ARG C 86 -16.00 -15.00 3.14
C ARG C 86 -15.62 -13.85 4.05
N PHE C 87 -14.32 -13.68 4.22
CA PHE C 87 -13.78 -12.62 5.04
C PHE C 87 -12.93 -11.71 4.16
N HIS C 88 -13.39 -10.48 3.94
CA HIS C 88 -12.70 -9.56 3.07
C HIS C 88 -11.92 -8.52 3.87
N MET C 89 -10.73 -8.17 3.39
CA MET C 89 -9.84 -7.28 4.11
C MET C 89 -10.45 -5.91 4.31
N TYR C 90 -11.18 -5.43 3.31
CA TYR C 90 -11.79 -4.11 3.43
C TYR C 90 -12.76 -4.03 4.62
N GLU C 91 -13.24 -5.16 5.10
CA GLU C 91 -14.16 -5.20 6.24
C GLU C 91 -13.42 -4.98 7.57
N GLY C 92 -12.10 -5.09 7.54
CA GLY C 92 -11.28 -4.81 8.70
C GLY C 92 -10.77 -6.05 9.42
N TYR C 93 -10.99 -7.22 8.83
CA TYR C 93 -10.57 -8.47 9.44
C TYR C 93 -9.06 -8.57 9.45
N SER C 94 -8.50 -9.23 10.46
CA SER C 94 -7.05 -9.40 10.55
C SER C 94 -6.52 -10.48 9.61
N ASN C 95 -5.21 -10.43 9.40
CA ASN C 95 -4.52 -11.47 8.64
C ASN C 95 -4.82 -12.85 9.20
N ASP C 96 -4.79 -12.98 10.52
CA ASP C 96 -5.02 -14.26 11.20
C ASP C 96 -6.47 -14.74 10.99
N THR C 97 -7.42 -13.83 11.08
CA THR C 97 -8.81 -14.18 10.82
C THR C 97 -9.00 -14.75 9.40
N VAL C 98 -8.50 -14.05 8.39
CA VAL C 98 -8.62 -14.53 7.03
C VAL C 98 -7.87 -15.86 6.79
N ALA C 99 -6.74 -16.04 7.47
CA ALA C 99 -5.92 -17.23 7.24
C ALA C 99 -6.45 -18.50 7.89
N LEU C 100 -7.08 -18.37 9.06
CA LEU C 100 -7.47 -19.56 9.83
C LEU C 100 -8.36 -20.57 9.10
N PRO C 101 -9.42 -20.09 8.43
CA PRO C 101 -10.30 -21.05 7.75
C PRO C 101 -9.55 -21.89 6.74
N ILE C 102 -8.61 -21.28 6.00
CA ILE C 102 -7.87 -22.00 4.98
C ILE C 102 -6.95 -23.03 5.63
N ARG C 103 -6.32 -22.65 6.73
CA ARG C 103 -5.47 -23.59 7.45
C ARG C 103 -6.29 -24.72 8.08
N VAL C 104 -7.53 -24.42 8.49
CA VAL C 104 -8.40 -25.49 9.00
C VAL C 104 -8.70 -26.52 7.90
N MET C 105 -8.88 -26.05 6.67
CA MET C 105 -9.14 -26.99 5.58
C MET C 105 -7.98 -27.94 5.41
N LYS C 106 -6.77 -27.40 5.48
CA LYS C 106 -5.55 -28.19 5.34
C LYS C 106 -5.52 -29.38 6.29
N LEU C 107 -5.72 -29.10 7.58
CA LEU C 107 -5.81 -30.15 8.59
C LEU C 107 -7.00 -31.10 8.42
N LEU C 108 -8.10 -30.63 7.82
CA LEU C 108 -9.27 -31.49 7.59
C LEU C 108 -9.07 -32.47 6.43
N GLY C 109 -8.06 -32.22 5.60
CA GLY C 109 -7.74 -33.11 4.50
C GLY C 109 -7.77 -32.50 3.11
N VAL C 110 -8.20 -31.24 3.00
CA VAL C 110 -8.33 -30.59 1.69
C VAL C 110 -7.02 -30.56 0.87
N LYS C 111 -7.11 -30.95 -0.41
CA LYS C 111 -5.97 -31.00 -1.30
C LYS C 111 -6.07 -29.95 -2.41
N ILE C 112 -7.30 -29.60 -2.78
CA ILE C 112 -7.54 -28.65 -3.86
C ILE C 112 -8.54 -27.59 -3.41
N LEU C 113 -8.22 -26.31 -3.63
CA LEU C 113 -9.12 -25.21 -3.34
C LEU C 113 -9.68 -24.65 -4.64
N MET C 114 -11.00 -24.57 -4.76
CA MET C 114 -11.63 -23.93 -5.89
C MET C 114 -12.35 -22.67 -5.43
N VAL C 115 -12.10 -21.56 -6.10
CA VAL C 115 -12.65 -20.30 -5.67
C VAL C 115 -13.11 -19.49 -6.88
N SER C 116 -14.30 -18.90 -6.75
CA SER C 116 -14.78 -17.95 -7.75
C SER C 116 -14.88 -16.56 -7.13
N ASN C 117 -14.88 -15.53 -7.98
CA ASN C 117 -15.19 -14.18 -7.53
C ASN C 117 -15.77 -13.34 -8.67
N ALA C 118 -16.23 -12.13 -8.35
CA ALA C 118 -16.67 -11.17 -9.35
C ALA C 118 -15.57 -10.15 -9.55
N ALA C 119 -15.40 -9.66 -10.78
CA ALA C 119 -14.33 -8.71 -11.05
C ALA C 119 -14.69 -7.82 -12.21
N GLY C 120 -14.07 -6.66 -12.26
CA GLY C 120 -14.22 -5.77 -13.40
C GLY C 120 -13.26 -6.16 -14.52
N GLY C 121 -13.69 -5.94 -15.75
CA GLY C 121 -12.90 -6.32 -16.92
C GLY C 121 -12.06 -5.15 -17.40
N LEU C 122 -10.75 -5.32 -17.30
CA LEU C 122 -9.80 -4.31 -17.78
C LEU C 122 -9.42 -4.59 -19.24
N ASN C 123 -8.98 -5.82 -19.51
CA ASN C 123 -8.70 -6.22 -20.88
C ASN C 123 -9.85 -5.83 -21.81
N ARG C 124 -9.54 -5.11 -22.90
CA ARG C 124 -10.57 -4.48 -23.74
C ARG C 124 -11.31 -5.50 -24.62
N SER C 125 -10.82 -6.72 -24.65
CA SER C 125 -11.44 -7.74 -25.48
C SER C 125 -12.48 -8.54 -24.68
N LEU C 126 -12.58 -8.27 -23.38
CA LEU C 126 -13.51 -9.00 -22.51
C LEU C 126 -14.94 -8.49 -22.65
N LYS C 127 -15.90 -9.36 -22.43
CA LYS C 127 -17.31 -8.99 -22.49
C LYS C 127 -18.00 -9.34 -21.19
N LEU C 128 -19.04 -8.58 -20.87
CA LEU C 128 -19.89 -8.87 -19.72
C LEU C 128 -20.25 -10.36 -19.68
N GLY C 129 -20.18 -10.96 -18.49
CA GLY C 129 -20.54 -12.36 -18.32
C GLY C 129 -19.45 -13.37 -18.68
N ASP C 130 -18.33 -12.91 -19.21
CA ASP C 130 -17.20 -13.79 -19.52
C ASP C 130 -16.60 -14.42 -18.26
N PHE C 131 -15.96 -15.57 -18.41
CA PHE C 131 -15.24 -16.22 -17.33
C PHE C 131 -13.74 -16.04 -17.56
N VAL C 132 -13.03 -15.48 -16.59
CA VAL C 132 -11.59 -15.36 -16.74
C VAL C 132 -10.89 -16.23 -15.70
N ILE C 133 -10.38 -17.36 -16.13
CA ILE C 133 -9.58 -18.22 -15.27
C ILE C 133 -8.31 -17.47 -14.89
N LEU C 134 -8.02 -17.38 -13.59
CA LEU C 134 -6.76 -16.76 -13.17
C LEU C 134 -5.60 -17.66 -13.54
N LYS C 135 -4.63 -17.12 -14.24
CA LYS C 135 -3.36 -17.84 -14.45
C LYS C 135 -2.22 -17.18 -13.68
N ASP C 136 -2.47 -15.98 -13.16
CA ASP C 136 -1.47 -15.25 -12.38
C ASP C 136 -2.14 -14.07 -11.66
N HIS C 137 -1.43 -13.42 -10.74
CA HIS C 137 -2.00 -12.26 -10.05
C HIS C 137 -0.98 -11.18 -9.72
N ILE C 138 -1.49 -10.00 -9.39
CA ILE C 138 -0.67 -8.91 -8.89
C ILE C 138 -1.30 -8.46 -7.58
N TYR C 139 -0.57 -8.69 -6.50
CA TYR C 139 -1.06 -8.51 -5.15
C TYR C 139 -0.63 -7.14 -4.62
N LEU C 140 -1.36 -6.09 -5.00
CA LEU C 140 -0.94 -4.73 -4.66
C LEU C 140 -0.78 -4.50 -3.15
N PRO C 141 -1.74 -4.94 -2.34
CA PRO C 141 -1.54 -4.83 -0.89
C PRO C 141 -0.28 -5.59 -0.37
N GLY C 142 0.03 -6.73 -0.97
CA GLY C 142 1.19 -7.52 -0.60
C GLY C 142 2.50 -6.83 -0.91
N LEU C 143 2.60 -6.27 -2.12
CA LEU C 143 3.76 -5.47 -2.51
C LEU C 143 3.98 -4.33 -1.53
N GLY C 144 2.91 -3.88 -0.88
CA GLY C 144 2.91 -2.69 -0.06
C GLY C 144 3.00 -2.90 1.44
N LEU C 145 3.44 -4.09 1.86
CA LEU C 145 3.59 -4.39 3.29
C LEU C 145 2.30 -4.76 4.05
N ASN C 146 1.24 -5.08 3.32
CA ASN C 146 0.03 -5.61 3.94
C ASN C 146 -0.24 -7.03 3.48
N ASN C 147 0.84 -7.75 3.18
CA ASN C 147 0.73 -9.15 2.81
C ASN C 147 0.16 -9.95 3.98
N ILE C 148 -0.76 -10.86 3.69
CA ILE C 148 -1.39 -11.68 4.71
C ILE C 148 -0.37 -12.48 5.54
N LEU C 149 0.82 -12.70 4.99
CA LEU C 149 1.85 -13.47 5.67
C LEU C 149 2.80 -12.62 6.54
N VAL C 150 2.63 -11.30 6.55
CA VAL C 150 3.48 -10.45 7.39
C VAL C 150 3.34 -10.83 8.87
N GLY C 151 4.47 -10.92 9.57
CA GLY C 151 4.47 -11.35 10.96
C GLY C 151 5.21 -12.66 11.11
N PRO C 152 5.34 -13.15 12.36
CA PRO C 152 6.07 -14.41 12.55
C PRO C 152 5.51 -15.51 11.66
N ASN C 153 6.38 -16.28 11.01
CA ASN C 153 5.93 -17.40 10.18
C ASN C 153 5.48 -18.59 11.02
N GLN C 154 4.35 -19.19 10.64
CA GLN C 154 3.91 -20.40 11.31
C GLN C 154 4.51 -21.58 10.56
N GLU C 155 5.63 -22.09 11.07
CA GLU C 155 6.42 -23.09 10.34
C GLU C 155 5.66 -24.41 10.11
N ALA C 156 4.72 -24.73 11.00
CA ALA C 156 3.91 -25.93 10.89
C ALA C 156 3.12 -25.98 9.58
N PHE C 157 2.81 -24.81 9.03
CA PHE C 157 2.04 -24.73 7.80
C PHE C 157 2.86 -24.50 6.53
N GLY C 158 3.98 -23.80 6.66
CA GLY C 158 4.80 -23.48 5.49
C GLY C 158 6.06 -22.69 5.76
N THR C 159 6.81 -22.42 4.69
CA THR C 159 8.13 -21.80 4.79
C THR C 159 8.05 -20.29 4.96
N ARG C 160 9.18 -19.68 5.34
CA ARG C 160 9.23 -18.25 5.61
C ARG C 160 9.07 -17.41 4.33
N PHE C 161 9.72 -17.84 3.25
CA PHE C 161 9.71 -17.14 1.97
C PHE C 161 9.16 -18.00 0.83
N PRO C 162 7.84 -18.04 0.69
CA PRO C 162 7.21 -18.90 -0.31
C PRO C 162 7.36 -18.33 -1.72
N ALA C 163 7.58 -19.20 -2.70
CA ALA C 163 7.53 -18.82 -4.10
C ALA C 163 6.10 -19.01 -4.57
N LEU C 164 5.72 -18.26 -5.60
CA LEU C 164 4.39 -18.37 -6.16
C LEU C 164 4.49 -18.82 -7.61
N SER C 165 5.44 -19.71 -7.86
CA SER C 165 5.78 -20.12 -9.22
C SER C 165 4.57 -20.59 -10.02
N ASN C 166 3.96 -21.70 -9.62
CA ASN C 166 2.80 -22.19 -10.35
C ASN C 166 1.56 -22.05 -9.47
N ALA C 167 1.35 -20.86 -8.94
CA ALA C 167 0.27 -20.63 -7.98
C ALA C 167 -1.12 -21.09 -8.50
N TYR C 168 -1.41 -20.82 -9.77
CA TYR C 168 -2.66 -21.28 -10.36
C TYR C 168 -2.43 -22.51 -11.21
N ASP C 169 -2.52 -23.67 -10.57
CA ASP C 169 -2.09 -24.93 -11.17
C ASP C 169 -2.43 -25.06 -12.66
N ARG C 170 -1.40 -25.15 -13.50
CA ARG C 170 -1.60 -25.20 -14.95
C ARG C 170 -2.45 -26.40 -15.41
N ASP C 171 -2.34 -27.53 -14.72
CA ASP C 171 -3.14 -28.70 -15.06
C ASP C 171 -4.65 -28.52 -14.79
N LEU C 172 -4.98 -27.90 -13.65
CA LEU C 172 -6.36 -27.61 -13.35
C LEU C 172 -6.93 -26.61 -14.37
N ARG C 173 -6.11 -25.65 -14.79
CA ARG C 173 -6.54 -24.68 -15.78
C ARG C 173 -6.85 -25.36 -17.12
N LYS C 174 -5.96 -26.23 -17.54
CA LYS C 174 -6.13 -26.96 -18.79
C LYS C 174 -7.41 -27.80 -18.75
N LEU C 175 -7.64 -28.46 -17.62
CA LEU C 175 -8.84 -29.27 -17.45
C LEU C 175 -10.10 -28.43 -17.56
N ALA C 176 -10.13 -27.30 -16.85
CA ALA C 176 -11.32 -26.46 -16.85
C ALA C 176 -11.63 -25.94 -18.25
N VAL C 177 -10.59 -25.62 -19.01
CA VAL C 177 -10.79 -25.19 -20.39
C VAL C 177 -11.38 -26.33 -21.18
N GLN C 178 -10.87 -27.55 -20.98
CA GLN C 178 -11.39 -28.69 -21.71
C GLN C 178 -12.86 -28.95 -21.43
N VAL C 179 -13.25 -28.86 -20.16
CA VAL C 179 -14.64 -29.08 -19.77
C VAL C 179 -15.57 -28.03 -20.38
N ALA C 180 -15.19 -26.76 -20.30
CA ALA C 180 -15.93 -25.71 -20.95
C ALA C 180 -16.11 -25.98 -22.46
N GLU C 181 -15.02 -26.37 -23.12
CA GLU C 181 -15.02 -26.60 -24.56
C GLU C 181 -15.98 -27.71 -24.98
N GLU C 182 -15.95 -28.82 -24.24
CA GLU C 182 -16.75 -29.97 -24.63
C GLU C 182 -18.21 -29.84 -24.23
N ASN C 183 -18.50 -28.89 -23.35
CA ASN C 183 -19.88 -28.64 -22.95
C ASN C 183 -20.43 -27.42 -23.63
N GLY C 184 -19.72 -26.96 -24.65
CA GLY C 184 -20.23 -25.98 -25.56
C GLY C 184 -20.25 -24.54 -25.10
N PHE C 185 -19.42 -24.17 -24.12
CA PHE C 185 -19.28 -22.75 -23.79
C PHE C 185 -17.83 -22.27 -23.71
N GLY C 186 -16.95 -22.97 -24.44
CA GLY C 186 -15.55 -22.58 -24.53
C GLY C 186 -15.33 -21.13 -24.97
N ASN C 187 -16.34 -20.56 -25.62
CA ASN C 187 -16.25 -19.20 -26.13
C ASN C 187 -16.38 -18.11 -25.05
N LEU C 188 -16.86 -18.49 -23.87
CA LEU C 188 -16.96 -17.58 -22.73
C LEU C 188 -15.69 -17.54 -21.87
N VAL C 189 -14.79 -18.49 -22.09
CA VAL C 189 -13.70 -18.72 -21.17
C VAL C 189 -12.38 -18.14 -21.66
N HIS C 190 -11.80 -17.28 -20.84
CA HIS C 190 -10.47 -16.71 -21.10
C HIS C 190 -9.54 -17.06 -19.93
N GLN C 191 -8.25 -16.75 -20.07
CA GLN C 191 -7.30 -16.84 -18.95
C GLN C 191 -6.57 -15.50 -18.84
N GLY C 192 -6.29 -15.06 -17.61
CA GLY C 192 -5.68 -13.75 -17.46
C GLY C 192 -5.13 -13.44 -16.10
N VAL C 193 -4.65 -12.21 -15.95
CA VAL C 193 -4.05 -11.75 -14.70
C VAL C 193 -5.06 -10.96 -13.90
N TYR C 194 -5.21 -11.34 -12.63
CA TYR C 194 -6.10 -10.68 -11.69
C TYR C 194 -5.28 -9.81 -10.74
N VAL C 195 -5.67 -8.55 -10.61
CA VAL C 195 -5.05 -7.66 -9.66
C VAL C 195 -5.99 -7.32 -8.52
N MET C 196 -5.47 -7.35 -7.29
CA MET C 196 -6.28 -7.02 -6.13
C MET C 196 -6.17 -5.55 -5.74
N ASN C 197 -7.32 -4.89 -5.69
CA ASN C 197 -7.45 -3.57 -5.07
C ASN C 197 -7.99 -3.80 -3.65
N GLY C 198 -7.30 -3.27 -2.65
CA GLY C 198 -7.68 -3.44 -1.26
C GLY C 198 -9.12 -3.07 -0.91
N GLY C 199 -9.66 -2.06 -1.59
CA GLY C 199 -11.07 -1.70 -1.46
C GLY C 199 -11.34 -0.79 -0.29
N PRO C 200 -12.63 -0.44 -0.04
CA PRO C 200 -13.80 -1.01 -0.71
C PRO C 200 -14.29 -0.22 -1.92
N CYS C 201 -13.59 0.83 -2.35
CA CYS C 201 -14.01 1.65 -3.49
C CYS C 201 -13.75 0.97 -4.82
N TYR C 202 -14.65 1.18 -5.78
CA TYR C 202 -14.37 0.86 -7.17
C TYR C 202 -13.24 1.77 -7.65
N GLU C 203 -12.55 1.33 -8.70
CA GLU C 203 -11.44 2.07 -9.30
C GLU C 203 -11.92 3.30 -10.06
N THR C 204 -11.14 4.37 -9.99
CA THR C 204 -11.37 5.53 -10.84
C THR C 204 -10.93 5.15 -12.24
N PRO C 205 -11.38 5.89 -13.26
CA PRO C 205 -10.88 5.63 -14.60
C PRO C 205 -9.36 5.71 -14.69
N ALA C 206 -8.73 6.63 -14.00
CA ALA C 206 -7.25 6.72 -14.03
C ALA C 206 -6.57 5.49 -13.42
N GLU C 207 -7.08 5.02 -12.30
CA GLU C 207 -6.60 3.77 -11.71
C GLU C 207 -6.76 2.56 -12.66
N CYS C 208 -7.92 2.45 -13.30
CA CYS C 208 -8.19 1.37 -14.26
C CYS C 208 -7.20 1.41 -15.42
N THR C 209 -7.00 2.59 -15.97
CA THR C 209 -6.04 2.77 -17.05
C THR C 209 -4.65 2.34 -16.66
N MET C 210 -4.22 2.74 -15.45
CA MET C 210 -2.91 2.35 -14.92
C MET C 210 -2.82 0.83 -14.77
N LEU C 211 -3.82 0.23 -14.14
CA LEU C 211 -3.81 -1.22 -13.91
C LEU C 211 -3.75 -1.99 -15.23
N LEU C 212 -4.49 -1.54 -16.25
CA LEU C 212 -4.46 -2.16 -17.57
C LEU C 212 -3.06 -2.09 -18.19
N ASN C 213 -2.48 -0.90 -18.17
CA ASN C 213 -1.13 -0.75 -18.67
C ASN C 213 -0.12 -1.56 -17.84
N MET C 214 -0.48 -1.92 -16.61
CA MET C 214 0.39 -2.76 -15.79
C MET C 214 0.36 -4.21 -16.29
N GLY C 215 -0.56 -4.50 -17.18
CA GLY C 215 -0.72 -5.87 -17.67
C GLY C 215 -1.81 -6.67 -16.99
N CYS C 216 -2.72 -5.99 -16.28
CA CYS C 216 -3.82 -6.68 -15.59
C CYS C 216 -5.02 -6.90 -16.52
N ASP C 217 -5.68 -8.04 -16.36
CA ASP C 217 -6.84 -8.35 -17.18
C ASP C 217 -8.16 -8.08 -16.46
N VAL C 218 -8.21 -8.44 -15.17
CA VAL C 218 -9.41 -8.18 -14.36
C VAL C 218 -8.99 -7.64 -13.00
N VAL C 219 -9.92 -7.00 -12.31
CA VAL C 219 -9.62 -6.40 -11.01
C VAL C 219 -10.75 -6.66 -10.00
N GLY C 220 -10.37 -7.01 -8.77
CA GLY C 220 -11.31 -7.28 -7.70
C GLY C 220 -10.72 -6.94 -6.34
N MET C 221 -11.40 -7.35 -5.26
CA MET C 221 -11.03 -6.96 -3.91
C MET C 221 -10.79 -8.15 -3.00
N SER C 222 -10.65 -9.34 -3.59
CA SER C 222 -10.61 -10.55 -2.77
C SER C 222 -9.60 -11.60 -3.24
N THR C 223 -9.67 -12.78 -2.63
CA THR C 223 -9.12 -14.01 -3.22
C THR C 223 -7.62 -14.23 -3.07
N ILE C 224 -6.82 -13.27 -3.55
CA ILE C 224 -5.35 -13.38 -3.40
C ILE C 224 -4.88 -13.77 -2.00
N PRO C 225 -5.44 -13.16 -0.94
CA PRO C 225 -4.97 -13.56 0.39
C PRO C 225 -5.19 -15.05 0.69
N GLU C 226 -6.37 -15.57 0.37
CA GLU C 226 -6.64 -16.99 0.52
C GLU C 226 -5.70 -17.82 -0.34
N VAL C 227 -5.51 -17.40 -1.59
CA VAL C 227 -4.63 -18.14 -2.49
C VAL C 227 -3.22 -18.19 -1.90
N VAL C 228 -2.74 -17.06 -1.42
CA VAL C 228 -1.41 -17.01 -0.79
C VAL C 228 -1.33 -17.99 0.38
N ILE C 229 -2.34 -17.99 1.24
CA ILE C 229 -2.33 -18.91 2.38
C ILE C 229 -2.41 -20.37 1.92
N ALA C 230 -3.23 -20.62 0.90
CA ALA C 230 -3.38 -21.98 0.37
C ALA C 230 -2.06 -22.51 -0.16
N ARG C 231 -1.44 -21.72 -1.03
CA ARG C 231 -0.18 -22.13 -1.61
C ARG C 231 0.87 -22.32 -0.51
N HIS C 232 0.88 -21.42 0.47
CA HIS C 232 1.84 -21.51 1.58
C HIS C 232 1.82 -22.89 2.25
N CYS C 233 0.63 -23.46 2.42
CA CYS C 233 0.53 -24.76 3.09
C CYS C 233 0.35 -25.90 2.09
N GLY C 234 0.77 -25.64 0.85
CA GLY C 234 0.75 -26.65 -0.19
C GLY C 234 -0.59 -27.16 -0.71
N ILE C 235 -1.63 -26.33 -0.72
CA ILE C 235 -2.89 -26.73 -1.35
C ILE C 235 -2.92 -26.25 -2.82
N GLN C 236 -3.34 -27.13 -3.74
CA GLN C 236 -3.47 -26.71 -5.15
C GLN C 236 -4.66 -25.79 -5.36
N VAL C 237 -4.50 -24.78 -6.20
CA VAL C 237 -5.50 -23.73 -6.32
C VAL C 237 -6.07 -23.62 -7.72
N PHE C 238 -7.40 -23.47 -7.80
CA PHE C 238 -8.08 -23.10 -9.04
C PHE C 238 -9.01 -21.93 -8.80
N ALA C 239 -8.89 -20.87 -9.60
CA ALA C 239 -9.69 -19.68 -9.38
C ALA C 239 -10.18 -19.04 -10.67
N VAL C 240 -11.43 -18.58 -10.66
CA VAL C 240 -12.02 -17.96 -11.82
C VAL C 240 -12.72 -16.67 -11.44
N SER C 241 -12.59 -15.66 -12.29
CA SER C 241 -13.37 -14.44 -12.16
C SER C 241 -14.53 -14.39 -13.16
N LEU C 242 -15.72 -14.01 -12.67
CA LEU C 242 -16.86 -13.68 -13.53
C LEU C 242 -16.80 -12.17 -13.81
N VAL C 243 -16.72 -11.80 -15.08
CA VAL C 243 -16.69 -10.39 -15.43
C VAL C 243 -18.09 -9.81 -15.26
N THR C 244 -18.28 -9.08 -14.16
CA THR C 244 -19.60 -8.57 -13.80
C THR C 244 -19.81 -7.12 -14.27
N ASN C 245 -18.78 -6.55 -14.88
CA ASN C 245 -18.83 -5.19 -15.39
C ASN C 245 -17.60 -4.88 -16.21
N ILE C 246 -17.72 -3.97 -17.16
CA ILE C 246 -16.58 -3.52 -17.95
C ILE C 246 -15.98 -2.27 -17.32
N SER C 247 -14.70 -2.34 -16.97
CA SER C 247 -14.03 -1.17 -16.37
C SER C 247 -14.11 0.06 -17.27
N VAL C 248 -14.47 1.20 -16.68
CA VAL C 248 -14.48 2.47 -17.41
C VAL C 248 -13.12 3.17 -17.33
N LEU C 249 -12.53 3.46 -18.48
CA LEU C 249 -11.18 4.00 -18.55
C LEU C 249 -11.17 5.50 -18.81
N ASP C 250 -12.33 6.07 -19.11
CA ASP C 250 -12.40 7.47 -19.54
C ASP C 250 -13.19 8.31 -18.54
N VAL C 251 -12.57 9.37 -18.04
CA VAL C 251 -13.27 10.32 -17.16
C VAL C 251 -14.49 10.98 -17.81
N GLU C 252 -14.50 11.09 -19.13
CA GLU C 252 -15.57 11.79 -19.83
C GLU C 252 -16.84 10.93 -19.96
N SER C 253 -16.72 9.63 -19.73
CA SER C 253 -17.86 8.72 -19.84
C SER C 253 -18.92 8.94 -18.76
N ASP C 254 -20.11 8.41 -19.00
CA ASP C 254 -21.19 8.48 -18.02
C ASP C 254 -21.54 7.08 -17.53
N LEU C 255 -20.87 6.08 -18.09
CA LEU C 255 -20.98 4.71 -17.58
C LEU C 255 -20.34 4.68 -16.20
N LYS C 256 -20.88 3.85 -15.30
CA LYS C 256 -20.31 3.71 -13.97
C LYS C 256 -20.59 2.35 -13.32
N PRO C 257 -19.67 1.91 -12.43
CA PRO C 257 -19.85 0.61 -11.75
C PRO C 257 -21.06 0.68 -10.83
N ASN C 258 -21.96 -0.27 -10.97
CA ASN C 258 -23.15 -0.32 -10.14
C ASN C 258 -23.25 -1.68 -9.43
N HIS C 259 -23.13 -1.68 -8.11
CA HIS C 259 -23.14 -2.91 -7.32
C HIS C 259 -24.39 -3.81 -7.50
N GLU C 260 -25.53 -3.19 -7.85
CA GLU C 260 -26.75 -3.95 -8.13
C GLU C 260 -26.61 -4.72 -9.44
N GLU C 261 -25.99 -4.08 -10.41
CA GLU C 261 -25.74 -4.69 -11.71
C GLU C 261 -24.67 -5.77 -11.59
N VAL C 262 -23.76 -5.57 -10.65
CA VAL C 262 -22.74 -6.56 -10.36
C VAL C 262 -23.37 -7.81 -9.77
N LEU C 263 -24.21 -7.62 -8.76
CA LEU C 263 -24.94 -8.75 -8.17
C LEU C 263 -25.83 -9.48 -9.20
N ALA C 264 -26.47 -8.74 -10.11
CA ALA C 264 -27.40 -9.32 -11.09
C ALA C 264 -26.71 -10.19 -12.13
N THR C 265 -25.55 -9.75 -12.59
CA THR C 265 -24.75 -10.53 -13.55
C THR C 265 -24.31 -11.85 -12.90
N GLY C 266 -23.81 -11.76 -11.68
CA GLY C 266 -23.47 -12.95 -10.93
C GLY C 266 -24.62 -13.95 -10.94
N ALA C 267 -25.81 -13.48 -10.61
CA ALA C 267 -26.99 -14.35 -10.53
C ALA C 267 -27.41 -14.93 -11.88
N GLN C 268 -27.11 -14.21 -12.96
CA GLN C 268 -27.41 -14.65 -14.30
C GLN C 268 -26.54 -15.85 -14.74
N ARG C 269 -25.26 -15.82 -14.40
CA ARG C 269 -24.31 -16.84 -14.84
C ARG C 269 -24.14 -17.96 -13.82
N ALA C 270 -24.88 -17.84 -12.71
CA ALA C 270 -24.71 -18.71 -11.54
C ALA C 270 -24.94 -20.17 -11.88
N GLU C 271 -25.97 -20.44 -12.68
CA GLU C 271 -26.30 -21.81 -13.04
C GLU C 271 -25.22 -22.41 -13.93
N LEU C 272 -24.74 -21.65 -14.89
CA LEU C 272 -23.65 -22.06 -15.74
C LEU C 272 -22.39 -22.35 -14.92
N MET C 273 -22.05 -21.44 -14.01
CA MET C 273 -20.83 -21.56 -13.25
C MET C 273 -20.90 -22.78 -12.36
N GLN C 274 -22.05 -23.00 -11.74
CA GLN C 274 -22.25 -24.17 -10.88
C GLN C 274 -22.05 -25.44 -11.68
N SER C 275 -22.66 -25.49 -12.84
CA SER C 275 -22.53 -26.64 -13.70
C SER C 275 -21.06 -26.88 -14.08
N TRP C 276 -20.34 -25.81 -14.36
CA TRP C 276 -18.93 -25.87 -14.73
C TRP C 276 -18.09 -26.47 -13.59
N PHE C 277 -18.27 -25.97 -12.38
CA PHE C 277 -17.51 -26.48 -11.24
C PHE C 277 -17.89 -27.94 -11.00
N GLU C 278 -19.17 -28.25 -11.16
CA GLU C 278 -19.62 -29.62 -10.94
C GLU C 278 -18.96 -30.58 -11.93
N LYS C 279 -18.87 -30.16 -13.19
CA LYS C 279 -18.26 -31.03 -14.21
C LYS C 279 -16.74 -31.08 -14.14
N ILE C 280 -16.11 -30.03 -13.61
CA ILE C 280 -14.66 -30.05 -13.34
C ILE C 280 -14.36 -31.07 -12.27
N ILE C 281 -15.07 -30.96 -11.14
CA ILE C 281 -14.82 -31.83 -9.99
C ILE C 281 -14.96 -33.30 -10.40
N GLU C 282 -15.90 -33.57 -11.30
CA GLU C 282 -16.16 -34.94 -11.74
C GLU C 282 -14.97 -35.55 -12.48
N LYS C 283 -14.12 -34.71 -13.02
CA LYS C 283 -12.98 -35.18 -13.82
C LYS C 283 -11.64 -34.99 -13.12
N LEU C 284 -11.66 -34.48 -11.90
CA LEU C 284 -10.42 -34.32 -11.15
C LEU C 284 -9.73 -35.67 -10.95
N PRO C 285 -8.42 -35.72 -11.25
CA PRO C 285 -7.72 -36.99 -11.01
C PRO C 285 -7.87 -37.33 -9.54
N LYS C 286 -8.35 -38.53 -9.24
CA LYS C 286 -8.49 -38.96 -7.85
C LYS C 286 -7.33 -39.86 -7.48
N ASP C 287 -6.59 -39.47 -6.43
CA ASP C 287 -5.48 -40.27 -5.94
C ASP C 287 -5.85 -41.74 -6.07
S SO4 D . -1.40 20.93 2.06
O1 SO4 D . -0.33 21.20 3.01
O2 SO4 D . -1.33 19.54 1.59
O3 SO4 D . -1.27 21.83 0.90
O4 SO4 D . -2.68 21.16 2.71
S DMS E . -14.90 4.68 8.00
O DMS E . -16.13 4.72 9.10
C1 DMS E . -13.98 6.25 8.06
C2 DMS E . -13.77 3.29 8.34
N01 BC3 F . 4.49 14.01 -2.15
C02 BC3 F . 4.70 15.28 -2.51
N03 BC3 F . 4.03 16.26 -1.88
C04 BC3 F . 4.22 17.55 -2.21
C05 BC3 F . 3.69 18.73 -1.74
C06 BC3 F . 2.66 18.87 -0.62
C07 BC3 F . 3.38 19.19 0.70
C08 BC3 F . 2.64 19.45 1.85
C09 BC3 F . 3.34 19.73 3.02
C10 BC3 F . 4.73 19.74 3.00
N11 BC3 F . 5.39 19.48 1.89
C12 BC3 F . 4.77 19.22 0.76
C13 BC3 F . 4.24 19.72 -2.43
N14 BC3 F . 5.10 19.22 -3.32
C15 BC3 F . 5.11 17.89 -3.22
C16 BC3 F . 5.81 16.90 -3.89
O17 BC3 F . 6.60 17.19 -4.79
N18 BC3 F . 5.60 15.57 -3.54
S DMS G . 9.84 6.97 12.87
O DMS G . 10.36 8.28 13.74
C1 DMS G . 10.44 5.45 13.70
C2 DMS G . 8.03 7.02 12.98
N01 BC3 H . 11.56 -9.65 -3.08
C02 BC3 H . 12.60 -10.38 -3.47
N03 BC3 H . 13.61 -10.60 -2.63
C04 BC3 H . 14.68 -11.34 -2.99
C05 BC3 H . 15.83 -11.72 -2.33
C06 BC3 H . 16.22 -11.36 -0.89
C07 BC3 H . 15.99 -12.55 0.02
C08 BC3 H . 14.77 -13.23 0.01
C09 BC3 H . 14.62 -14.31 0.86
C10 BC3 H . 15.67 -14.69 1.68
N11 BC3 H . 16.81 -14.03 1.66
C12 BC3 H . 17.00 -12.99 0.87
C13 BC3 H . 16.55 -12.46 -3.17
N14 BC3 H . 15.90 -12.57 -4.34
C15 BC3 H . 14.75 -11.90 -4.26
C16 BC3 H . 13.72 -11.69 -5.16
O17 BC3 H . 13.76 -12.17 -6.29
N18 BC3 H . 12.62 -10.92 -4.76
S SO4 I . -16.91 -11.89 -3.95
O1 SO4 I . -16.13 -11.84 -5.17
O2 SO4 I . -18.33 -11.71 -4.28
O3 SO4 I . -16.47 -10.80 -3.07
O4 SO4 I . -16.71 -13.16 -3.28
S DMS J . 0.06 -15.46 9.10
O DMS J . 0.40 -16.75 10.09
C1 DMS J . -1.75 -15.39 8.92
C2 DMS J . 0.72 -13.93 9.81
N01 BC3 K . -12.23 -3.27 -7.30
C02 BC3 K . -13.22 -3.82 -8.00
N03 BC3 K . -13.95 -4.81 -7.46
C04 BC3 K . -14.95 -5.39 -8.14
C05 BC3 K . -15.84 -6.41 -7.83
C06 BC3 K . -15.89 -7.19 -6.53
C07 BC3 K . -17.26 -7.02 -5.88
C08 BC3 K . -17.78 -8.01 -5.04
C09 BC3 K . -19.03 -7.80 -4.48
C10 BC3 K . -19.73 -6.64 -4.76
N11 BC3 K . -19.20 -5.72 -5.56
C12 BC3 K . -18.01 -5.87 -6.11
C13 BC3 K . -16.64 -6.57 -8.88
N14 BC3 K . -16.30 -5.71 -9.84
C15 BC3 K . -15.27 -4.97 -9.42
C16 BC3 K . -14.54 -3.94 -10.01
O17 BC3 K . -14.82 -3.56 -11.15
N18 BC3 K . -13.50 -3.36 -9.29
#